data_3T80
#
_entry.id   3T80
#
_cell.length_a   200.013
_cell.length_b   147.657
_cell.length_c   56.919
_cell.angle_alpha   90.00
_cell.angle_beta   106.38
_cell.angle_gamma   90.00
#
_symmetry.space_group_name_H-M   'C 1 2 1'
#
loop_
_entity.id
_entity.type
_entity.pdbx_description
1 polymer '2-C-methyl-D-erythritol 2,4-cyclodiphosphate synthase'
2 non-polymer 'ZINC ION'
3 non-polymer 'MAGNESIUM ION'
4 non-polymer 4-AMINO-1-BETA-D-RIBOFURANOSYL-2(1H)-PYRIMIDINONE
5 non-polymer 'PYROPHOSPHATE 2-'
6 non-polymer 1,2-ETHANEDIOL
7 water water
#
_entity_poly.entity_id   1
_entity_poly.type   'polypeptide(L)'
_entity_poly.pdbx_seq_one_letter_code
;SNAMRIGHGFDVHAFGGEGPIIIGGVRIPYEKGLLAHSDGDVALHALTDALLGAAALGDIGKLFPDTDPAFKGADSRELL
REAWRRIQAKGYTLGNVDVTIIAQAPKMLPHIPQMRVFIAEDLGCHMDEVNVKATTTEKLGFTGRGEGIACEAVALLMKA
AK
;
_entity_poly.pdbx_strand_id   A,B,C,D,E,F
#
# COMPACT_ATOMS: atom_id res chain seq x y z
N ALA A 3 -17.83 -19.75 26.84
CA ALA A 3 -18.46 -19.88 25.51
C ALA A 3 -17.56 -19.24 24.49
N MET A 4 -17.18 -20.08 23.55
CA MET A 4 -16.52 -19.64 22.32
C MET A 4 -17.21 -20.11 21.07
N ARG A 5 -16.95 -19.33 20.04
CA ARG A 5 -17.66 -19.43 18.78
C ARG A 5 -16.73 -19.31 17.61
N ILE A 6 -16.89 -20.28 16.73
CA ILE A 6 -16.12 -20.39 15.51
C ILE A 6 -16.93 -19.95 14.30
N GLY A 7 -16.25 -19.23 13.44
CA GLY A 7 -16.81 -18.78 12.17
C GLY A 7 -15.95 -18.91 10.93
N HIS A 8 -16.64 -18.92 9.81
CA HIS A 8 -16.03 -19.08 8.49
C HIS A 8 -16.74 -18.36 7.41
N GLY A 9 -15.92 -17.67 6.65
CA GLY A 9 -16.29 -16.85 5.50
C GLY A 9 -15.47 -17.05 4.23
N PHE A 10 -16.13 -16.70 3.14
CA PHE A 10 -15.61 -16.87 1.80
C PHE A 10 -16.29 -15.97 0.78
N ASP A 11 -15.47 -15.30 0.02
CA ASP A 11 -15.92 -14.41 -1.06
C ASP A 11 -15.04 -14.42 -2.31
N VAL A 12 -15.70 -14.05 -3.40
CA VAL A 12 -15.09 -13.92 -4.73
C VAL A 12 -15.65 -12.76 -5.58
N HIS A 13 -14.73 -12.03 -6.19
CA HIS A 13 -15.03 -11.15 -7.34
C HIS A 13 -14.19 -11.30 -8.58
N ALA A 14 -14.90 -11.00 -9.64
CA ALA A 14 -14.35 -10.96 -10.99
C ALA A 14 -13.59 -9.66 -11.22
N PHE A 15 -12.47 -9.75 -11.92
CA PHE A 15 -11.80 -8.54 -12.41
C PHE A 15 -12.60 -7.98 -13.55
N GLY A 16 -12.48 -6.68 -13.67
CA GLY A 16 -13.11 -5.92 -14.75
C GLY A 16 -13.05 -4.44 -14.59
N GLY A 17 -13.03 -3.78 -15.73
CA GLY A 17 -12.84 -2.33 -15.80
C GLY A 17 -11.45 -1.94 -15.37
N GLU A 18 -11.32 -0.67 -15.03
CA GLU A 18 -10.04 -0.14 -14.57
C GLU A 18 -9.95 -0.28 -13.06
N GLY A 19 -8.72 -0.56 -12.65
CA GLY A 19 -8.28 -0.47 -11.25
C GLY A 19 -8.31 0.97 -10.75
N PRO A 20 -7.88 1.18 -9.51
CA PRO A 20 -7.40 0.13 -8.66
C PRO A 20 -8.50 -0.67 -8.00
N ILE A 21 -8.03 -1.61 -7.22
CA ILE A 21 -8.85 -2.44 -6.35
C ILE A 21 -8.74 -2.03 -4.88
N ILE A 22 -9.74 -2.49 -4.15
CA ILE A 22 -9.82 -2.35 -2.68
C ILE A 22 -9.89 -3.71 -1.97
N ILE A 23 -8.84 -3.97 -1.23
CA ILE A 23 -8.67 -5.20 -0.48
C ILE A 23 -8.25 -4.90 0.94
N GLY A 24 -9.04 -5.40 1.85
CA GLY A 24 -8.88 -5.12 3.29
C GLY A 24 -8.86 -3.64 3.62
N GLY A 25 -9.64 -2.90 2.85
CA GLY A 25 -9.80 -1.42 3.03
C GLY A 25 -8.73 -0.57 2.35
N VAL A 26 -7.76 -1.30 1.84
CA VAL A 26 -6.60 -0.71 1.15
C VAL A 26 -6.76 -0.63 -0.35
N ARG A 27 -6.49 0.59 -0.82
CA ARG A 27 -6.48 0.92 -2.24
C ARG A 27 -5.16 0.48 -2.86
N ILE A 28 -5.29 -0.50 -3.73
CA ILE A 28 -4.13 -1.23 -4.32
C ILE A 28 -4.04 -1.08 -5.85
N PRO A 29 -2.96 -0.46 -6.35
CA PRO A 29 -2.95 -0.22 -7.77
C PRO A 29 -2.85 -1.52 -8.53
N TYR A 30 -3.57 -1.53 -9.62
CA TYR A 30 -3.64 -2.69 -10.50
C TYR A 30 -4.26 -2.31 -11.83
N GLU A 31 -3.86 -3.05 -12.85
CA GLU A 31 -4.29 -2.81 -14.27
C GLU A 31 -5.80 -2.94 -14.49
N LYS A 32 -6.41 -3.66 -13.58
CA LYS A 32 -7.83 -4.07 -13.68
C LYS A 32 -8.59 -3.73 -12.40
N GLY A 33 -9.88 -3.63 -12.51
CA GLY A 33 -10.71 -3.33 -11.35
C GLY A 33 -11.44 -4.55 -10.86
N LEU A 34 -12.22 -4.35 -9.80
CA LEU A 34 -13.10 -5.42 -9.24
C LEU A 34 -14.58 -5.16 -9.51
N LEU A 35 -15.12 -5.96 -10.42
CA LEU A 35 -16.58 -5.95 -10.70
C LEU A 35 -17.36 -6.37 -9.45
N ALA A 36 -18.09 -5.40 -8.93
CA ALA A 36 -18.94 -5.62 -7.76
C ALA A 36 -20.08 -4.61 -7.59
N HIS A 37 -21.11 -5.04 -6.88
CA HIS A 37 -22.21 -4.11 -6.49
C HIS A 37 -21.67 -3.05 -5.58
N SER A 38 -20.89 -3.55 -4.63
CA SER A 38 -20.13 -2.71 -3.70
C SER A 38 -18.78 -2.34 -4.28
N ASP A 39 -17.90 -1.94 -3.37
CA ASP A 39 -16.48 -1.63 -3.68
C ASP A 39 -15.65 -2.88 -3.98
N GLY A 40 -16.25 -4.02 -3.75
CA GLY A 40 -15.60 -5.31 -4.11
C GLY A 40 -14.48 -5.78 -3.18
N ASP A 41 -14.49 -5.21 -1.99
CA ASP A 41 -13.52 -5.59 -0.94
C ASP A 41 -13.73 -7.04 -0.46
N VAL A 42 -13.10 -7.91 -1.19
CA VAL A 42 -13.33 -9.35 -1.04
C VAL A 42 -12.84 -9.90 0.28
N ALA A 43 -11.83 -9.25 0.81
CA ALA A 43 -11.25 -9.65 2.12
C ALA A 43 -12.17 -9.26 3.29
N LEU A 44 -12.64 -8.04 3.25
CA LEU A 44 -13.49 -7.52 4.35
C LEU A 44 -14.80 -8.28 4.37
N HIS A 45 -15.21 -8.68 3.18
CA HIS A 45 -16.47 -9.45 3.00
C HIS A 45 -16.37 -10.81 3.63
N ALA A 46 -15.32 -11.54 3.24
CA ALA A 46 -15.09 -12.90 3.77
C ALA A 46 -15.04 -12.82 5.31
N LEU A 47 -14.31 -11.80 5.75
CA LEU A 47 -14.08 -11.53 7.19
C LEU A 47 -15.40 -11.27 7.93
N THR A 48 -16.23 -10.48 7.28
CA THR A 48 -17.56 -10.07 7.82
C THR A 48 -18.46 -11.27 7.99
N ASP A 49 -18.41 -12.11 6.97
CA ASP A 49 -19.17 -13.40 6.94
C ASP A 49 -18.67 -14.43 7.97
N ALA A 50 -17.37 -14.46 8.17
CA ALA A 50 -16.81 -15.37 9.22
C ALA A 50 -17.29 -14.89 10.60
N LEU A 51 -17.43 -13.59 10.72
CA LEU A 51 -17.76 -12.95 12.01
C LEU A 51 -19.24 -13.10 12.35
N LEU A 52 -20.07 -12.76 11.40
CA LEU A 52 -21.54 -13.00 11.53
C LEU A 52 -21.87 -14.50 11.66
N GLY A 53 -21.07 -15.30 10.97
CA GLY A 53 -21.21 -16.77 10.98
C GLY A 53 -20.98 -17.38 12.35
N ALA A 54 -19.94 -16.93 13.01
CA ALA A 54 -19.63 -17.38 14.37
C ALA A 54 -20.78 -17.03 15.32
N ALA A 55 -21.37 -15.87 15.04
CA ALA A 55 -22.43 -15.26 15.90
C ALA A 55 -23.84 -15.73 15.58
N ALA A 56 -23.92 -16.54 14.53
CA ALA A 56 -25.20 -17.13 14.06
C ALA A 56 -26.19 -16.07 13.60
N LEU A 57 -25.62 -15.04 13.00
CA LEU A 57 -26.39 -13.89 12.46
C LEU A 57 -26.58 -13.98 10.92
N GLY A 58 -26.07 -15.06 10.40
CA GLY A 58 -26.21 -15.43 8.98
C GLY A 58 -25.01 -15.03 8.11
N ASP A 59 -25.22 -14.01 7.30
CA ASP A 59 -24.20 -13.52 6.35
C ASP A 59 -24.37 -12.05 5.89
N ILE A 60 -23.41 -11.59 5.08
CA ILE A 60 -23.38 -10.17 4.58
C ILE A 60 -24.66 -9.84 3.86
N GLY A 61 -24.97 -10.75 2.96
CA GLY A 61 -26.08 -10.63 2.01
C GLY A 61 -27.44 -10.48 2.66
N LYS A 62 -27.61 -11.11 3.80
CA LYS A 62 -28.89 -11.03 4.53
C LYS A 62 -29.08 -9.60 4.94
N LEU A 63 -28.09 -9.14 5.68
CA LEU A 63 -28.08 -7.79 6.30
C LEU A 63 -28.08 -6.65 5.28
N PHE A 64 -27.38 -6.94 4.20
CA PHE A 64 -27.11 -5.96 3.10
C PHE A 64 -27.24 -6.51 1.65
N PRO A 65 -28.49 -6.66 1.15
CA PRO A 65 -28.77 -7.21 -0.18
C PRO A 65 -28.08 -6.57 -1.37
N ASP A 66 -28.16 -7.31 -2.45
CA ASP A 66 -27.47 -6.98 -3.73
C ASP A 66 -28.41 -6.27 -4.70
N THR A 67 -29.69 -6.48 -4.42
CA THR A 67 -30.80 -5.85 -5.15
C THR A 67 -31.41 -4.73 -4.30
N ASP A 68 -30.52 -3.83 -3.92
CA ASP A 68 -30.85 -2.65 -3.09
C ASP A 68 -29.94 -1.47 -3.45
N PRO A 69 -30.51 -0.28 -3.75
CA PRO A 69 -29.73 0.79 -4.37
C PRO A 69 -28.82 1.53 -3.41
N ALA A 70 -29.10 1.33 -2.14
CA ALA A 70 -28.41 2.01 -1.01
C ALA A 70 -26.97 1.57 -0.82
N PHE A 71 -26.73 0.33 -1.21
CA PHE A 71 -25.42 -0.38 -1.02
C PHE A 71 -24.55 -0.44 -2.28
N LYS A 72 -24.95 0.42 -3.21
CA LYS A 72 -24.19 0.64 -4.46
C LYS A 72 -22.88 1.36 -4.14
N GLY A 73 -21.81 0.65 -4.43
CA GLY A 73 -20.41 1.13 -4.23
C GLY A 73 -20.02 1.27 -2.77
N ALA A 74 -20.86 0.67 -1.95
CA ALA A 74 -20.75 0.70 -0.48
C ALA A 74 -19.35 0.38 0.03
N ASP A 75 -19.01 1.14 1.06
CA ASP A 75 -17.78 0.96 1.82
C ASP A 75 -17.89 -0.35 2.64
N SER A 76 -17.11 -1.33 2.23
CA SER A 76 -17.08 -2.65 2.93
C SER A 76 -16.64 -2.53 4.38
N ARG A 77 -15.83 -1.54 4.66
CA ARG A 77 -15.48 -1.20 6.06
C ARG A 77 -16.69 -0.81 6.90
N GLU A 78 -17.60 -0.08 6.27
CA GLU A 78 -18.90 0.32 6.92
C GLU A 78 -19.76 -0.93 7.21
N LEU A 79 -19.84 -1.80 6.22
CA LEU A 79 -20.58 -3.06 6.41
C LEU A 79 -20.01 -3.79 7.64
N LEU A 80 -18.70 -3.87 7.61
CA LEU A 80 -17.91 -4.56 8.66
C LEU A 80 -18.19 -4.01 10.06
N ARG A 81 -18.20 -2.70 10.16
CA ARG A 81 -18.37 -2.04 11.48
C ARG A 81 -19.75 -2.25 12.05
N GLU A 82 -20.70 -2.17 11.15
CA GLU A 82 -22.12 -2.41 11.44
C GLU A 82 -22.34 -3.85 11.89
N ALA A 83 -21.82 -4.72 11.06
CA ALA A 83 -21.86 -6.17 11.29
C ALA A 83 -21.39 -6.44 12.69
N TRP A 84 -20.25 -5.85 12.97
CA TRP A 84 -19.54 -6.00 14.26
C TRP A 84 -20.35 -5.45 15.42
N ARG A 85 -20.94 -4.31 15.18
CA ARG A 85 -21.83 -3.62 16.16
C ARG A 85 -22.93 -4.57 16.68
N ARG A 86 -23.49 -5.25 15.70
CA ARG A 86 -24.61 -6.19 15.87
C ARG A 86 -24.19 -7.45 16.63
N ILE A 87 -22.97 -7.87 16.34
CA ILE A 87 -22.34 -9.03 17.02
C ILE A 87 -22.06 -8.70 18.49
N GLN A 88 -21.65 -7.47 18.73
CA GLN A 88 -21.34 -7.00 20.13
C GLN A 88 -22.57 -6.91 20.99
N ALA A 89 -23.64 -6.49 20.34
CA ALA A 89 -24.96 -6.24 20.96
C ALA A 89 -25.54 -7.54 21.46
N LYS A 90 -25.09 -8.59 20.80
CA LYS A 90 -25.42 -10.00 21.12
C LYS A 90 -24.50 -10.61 22.19
N GLY A 91 -23.63 -9.78 22.71
CA GLY A 91 -22.77 -10.09 23.89
C GLY A 91 -21.41 -10.71 23.60
N TYR A 92 -21.07 -10.72 22.33
CA TYR A 92 -19.80 -11.26 21.88
C TYR A 92 -18.65 -10.25 21.88
N THR A 93 -17.49 -10.82 22.12
CA THR A 93 -16.21 -10.11 21.99
C THR A 93 -15.21 -10.86 21.09
N LEU A 94 -14.24 -10.13 20.56
CA LEU A 94 -13.34 -10.72 19.55
C LEU A 94 -12.20 -11.54 20.15
N GLY A 95 -12.16 -12.79 19.73
CA GLY A 95 -11.01 -13.67 20.02
C GLY A 95 -9.86 -13.33 19.06
N ASN A 96 -10.02 -13.81 17.85
CA ASN A 96 -9.05 -13.54 16.77
C ASN A 96 -9.61 -13.83 15.40
N VAL A 97 -8.97 -13.24 14.42
CA VAL A 97 -9.29 -13.47 13.00
C VAL A 97 -8.04 -13.79 12.18
N ASP A 98 -8.27 -14.66 11.23
CA ASP A 98 -7.27 -15.07 10.26
C ASP A 98 -7.90 -15.06 8.87
N VAL A 99 -7.26 -14.27 8.04
CA VAL A 99 -7.72 -13.98 6.68
C VAL A 99 -6.69 -14.44 5.63
N THR A 100 -7.19 -15.07 4.60
CA THR A 100 -6.35 -15.61 3.51
C THR A 100 -6.80 -15.12 2.14
N ILE A 101 -6.01 -14.19 1.60
CA ILE A 101 -6.27 -13.67 0.23
C ILE A 101 -5.64 -14.56 -0.85
N ILE A 102 -6.48 -14.90 -1.81
CA ILE A 102 -6.12 -15.81 -2.92
C ILE A 102 -6.20 -15.10 -4.28
N ALA A 103 -5.01 -14.86 -4.79
CA ALA A 103 -4.76 -13.97 -5.95
C ALA A 103 -3.41 -14.18 -6.61
N GLN A 104 -3.47 -14.37 -7.91
CA GLN A 104 -2.24 -14.43 -8.76
C GLN A 104 -1.50 -13.09 -8.70
N ALA A 105 -2.32 -12.06 -8.57
CA ALA A 105 -1.91 -10.65 -8.66
C ALA A 105 -3.06 -9.69 -8.32
N PRO A 106 -2.74 -8.48 -7.88
CA PRO A 106 -1.43 -7.98 -7.61
C PRO A 106 -0.86 -8.45 -6.29
N LYS A 107 0.31 -7.92 -6.01
CA LYS A 107 1.11 -8.22 -4.81
C LYS A 107 0.42 -7.62 -3.57
N MET A 108 0.03 -8.51 -2.67
CA MET A 108 -0.70 -8.11 -1.44
C MET A 108 0.28 -7.76 -0.31
N LEU A 109 1.44 -8.38 -0.39
CA LEU A 109 2.47 -8.35 0.69
C LEU A 109 2.67 -6.97 1.32
N PRO A 110 3.03 -5.97 0.51
CA PRO A 110 3.32 -4.67 1.07
C PRO A 110 2.13 -3.99 1.78
N HIS A 111 0.92 -4.40 1.39
CA HIS A 111 -0.35 -3.73 1.91
C HIS A 111 -0.93 -4.34 3.17
N ILE A 112 -0.47 -5.53 3.45
CA ILE A 112 -0.93 -6.32 4.63
C ILE A 112 -0.93 -5.55 6.00
N PRO A 113 0.13 -4.81 6.31
CA PRO A 113 0.11 -4.08 7.59
C PRO A 113 -0.98 -3.05 7.67
N GLN A 114 -1.16 -2.31 6.60
CA GLN A 114 -2.23 -1.28 6.56
C GLN A 114 -3.61 -1.92 6.68
N MET A 115 -3.74 -3.08 6.05
CA MET A 115 -5.00 -3.88 6.15
C MET A 115 -5.33 -4.19 7.61
N ARG A 116 -4.30 -4.63 8.30
CA ARG A 116 -4.42 -5.06 9.72
C ARG A 116 -4.82 -3.91 10.62
N VAL A 117 -4.22 -2.77 10.35
CA VAL A 117 -4.54 -1.54 11.08
C VAL A 117 -6.02 -1.20 10.92
N PHE A 118 -6.44 -1.26 9.67
CA PHE A 118 -7.82 -0.96 9.28
C PHE A 118 -8.78 -1.93 9.99
N ILE A 119 -8.45 -3.19 9.82
CA ILE A 119 -9.27 -4.29 10.40
C ILE A 119 -9.34 -4.18 11.93
N ALA A 120 -8.21 -3.87 12.52
CA ALA A 120 -8.06 -3.78 14.01
C ALA A 120 -8.90 -2.62 14.57
N GLU A 121 -8.77 -1.52 13.90
CA GLU A 121 -9.51 -0.30 14.26
C GLU A 121 -11.05 -0.51 14.16
N ASP A 122 -11.43 -1.04 13.03
CA ASP A 122 -12.86 -1.35 12.72
C ASP A 122 -13.48 -2.30 13.74
N LEU A 123 -12.67 -3.24 14.18
CA LEU A 123 -13.11 -4.29 15.17
C LEU A 123 -12.85 -3.92 16.60
N GLY A 124 -12.13 -2.82 16.75
CA GLY A 124 -11.74 -2.29 18.08
C GLY A 124 -10.80 -3.22 18.83
N CYS A 125 -9.99 -3.94 18.07
CA CYS A 125 -8.99 -4.84 18.70
C CYS A 125 -7.55 -4.35 18.54
N HIS A 126 -6.65 -5.12 19.13
CA HIS A 126 -5.20 -4.98 18.86
C HIS A 126 -4.89 -5.69 17.58
N MET A 127 -3.90 -5.18 16.88
CA MET A 127 -3.43 -5.76 15.57
C MET A 127 -3.03 -7.22 15.69
N ASP A 128 -2.49 -7.58 16.85
CA ASP A 128 -1.98 -8.96 17.09
C ASP A 128 -3.10 -9.96 17.16
N GLU A 129 -4.30 -9.45 16.99
CA GLU A 129 -5.50 -10.31 16.99
C GLU A 129 -5.99 -10.56 15.59
N VAL A 130 -5.25 -9.97 14.69
CA VAL A 130 -5.60 -9.94 13.29
C VAL A 130 -4.45 -10.41 12.41
N ASN A 131 -4.69 -11.49 11.71
CA ASN A 131 -3.72 -12.04 10.74
C ASN A 131 -4.26 -12.03 9.32
N VAL A 132 -3.47 -11.44 8.45
CA VAL A 132 -3.77 -11.46 7.02
C VAL A 132 -2.61 -12.07 6.26
N LYS A 133 -2.97 -12.98 5.38
CA LYS A 133 -1.98 -13.58 4.51
C LYS A 133 -2.51 -13.68 3.13
N ALA A 134 -1.61 -14.09 2.27
CA ALA A 134 -1.83 -14.09 0.86
C ALA A 134 -1.15 -15.26 0.23
N THR A 135 -1.83 -15.77 -0.76
CA THR A 135 -1.32 -16.85 -1.55
C THR A 135 -1.81 -16.81 -2.98
N THR A 136 -1.11 -17.56 -3.80
CA THR A 136 -1.55 -17.78 -5.19
C THR A 136 -1.85 -19.25 -5.40
N THR A 137 -2.56 -19.50 -6.49
CA THR A 137 -2.91 -20.89 -6.88
C THR A 137 -2.02 -21.46 -7.98
N GLU A 138 -0.87 -20.83 -8.12
CA GLU A 138 0.17 -21.22 -9.09
C GLU A 138 -0.38 -21.32 -10.50
N LYS A 139 -1.15 -20.32 -10.88
CA LYS A 139 -1.74 -20.25 -12.25
C LYS A 139 -2.82 -21.31 -12.54
N LEU A 140 -3.29 -21.90 -11.47
CA LEU A 140 -4.37 -22.90 -11.56
C LEU A 140 -5.72 -22.25 -11.26
N GLY A 141 -6.71 -22.77 -11.93
CA GLY A 141 -8.08 -22.31 -11.78
C GLY A 141 -8.31 -20.86 -12.15
N PHE A 142 -9.43 -20.36 -11.66
CA PHE A 142 -9.94 -19.01 -12.04
C PHE A 142 -9.09 -17.87 -11.48
N THR A 143 -8.62 -18.03 -10.25
CA THR A 143 -7.65 -17.04 -9.66
C THR A 143 -6.32 -17.09 -10.46
N GLY A 144 -5.95 -18.30 -10.80
CA GLY A 144 -4.67 -18.59 -11.50
C GLY A 144 -4.55 -17.95 -12.87
N ARG A 145 -5.64 -18.06 -13.60
CA ARG A 145 -5.83 -17.41 -14.93
C ARG A 145 -6.05 -15.88 -14.83
N GLY A 146 -6.02 -15.39 -13.61
CA GLY A 146 -6.25 -13.96 -13.33
C GLY A 146 -7.64 -13.45 -13.70
N GLU A 147 -8.62 -14.29 -13.48
CA GLU A 147 -10.04 -13.96 -13.79
C GLU A 147 -10.70 -13.22 -12.62
N GLY A 148 -10.12 -13.41 -11.47
CA GLY A 148 -10.64 -12.78 -10.26
C GLY A 148 -9.87 -13.10 -9.02
N ILE A 149 -10.38 -12.59 -7.93
CA ILE A 149 -9.79 -12.75 -6.61
C ILE A 149 -10.76 -13.43 -5.64
N ALA A 150 -10.19 -14.30 -4.84
CA ALA A 150 -10.94 -15.00 -3.74
C ALA A 150 -10.33 -14.76 -2.36
N CYS A 151 -11.18 -14.87 -1.38
CA CYS A 151 -10.74 -14.71 0.00
C CYS A 151 -11.55 -15.56 0.97
N GLU A 152 -10.81 -16.23 1.81
CA GLU A 152 -11.38 -16.95 2.94
C GLU A 152 -10.97 -16.23 4.20
N ALA A 153 -11.75 -16.49 5.21
CA ALA A 153 -11.49 -16.02 6.58
C ALA A 153 -12.11 -16.95 7.61
N VAL A 154 -11.40 -17.07 8.72
CA VAL A 154 -11.91 -17.76 9.90
C VAL A 154 -11.86 -16.79 11.06
N ALA A 155 -12.82 -16.95 11.93
CA ALA A 155 -12.89 -16.12 13.13
C ALA A 155 -13.33 -16.87 14.35
N LEU A 156 -12.83 -16.37 15.45
CA LEU A 156 -13.15 -16.85 16.78
C LEU A 156 -13.67 -15.74 17.66
N LEU A 157 -14.86 -15.99 18.17
CA LEU A 157 -15.52 -15.07 19.12
C LEU A 157 -15.60 -15.63 20.53
N MET A 158 -15.70 -14.69 21.45
CA MET A 158 -15.85 -14.99 22.87
C MET A 158 -16.99 -14.27 23.54
N LYS A 159 -17.54 -14.98 24.50
CA LYS A 159 -18.58 -14.42 25.37
C LYS A 159 -17.99 -13.84 26.66
N ALA B 3 -6.82 -18.19 26.66
CA ALA B 3 -6.98 -17.65 25.29
C ALA B 3 -6.84 -18.76 24.27
N MET B 4 -7.71 -18.74 23.31
CA MET B 4 -7.59 -19.64 22.19
C MET B 4 -7.41 -18.82 20.96
N ARG B 5 -6.80 -19.45 19.98
CA ARG B 5 -6.54 -18.78 18.73
C ARG B 5 -6.85 -19.69 17.60
N ILE B 6 -7.64 -19.15 16.70
CA ILE B 6 -7.97 -19.84 15.45
C ILE B 6 -7.08 -19.37 14.29
N GLY B 7 -6.74 -20.35 13.50
CA GLY B 7 -5.93 -20.19 12.28
C GLY B 7 -6.41 -21.02 11.09
N HIS B 8 -6.14 -20.48 9.91
CA HIS B 8 -6.55 -21.12 8.65
C HIS B 8 -5.52 -21.00 7.57
N GLY B 9 -5.37 -22.10 6.88
CA GLY B 9 -4.38 -22.25 5.81
C GLY B 9 -4.82 -22.93 4.53
N PHE B 10 -4.23 -22.45 3.46
CA PHE B 10 -4.53 -22.91 2.08
C PHE B 10 -3.30 -22.92 1.19
N ASP B 11 -3.18 -24.01 0.47
CA ASP B 11 -2.12 -24.17 -0.50
C ASP B 11 -2.49 -25.01 -1.72
N VAL B 12 -1.76 -24.72 -2.76
CA VAL B 12 -1.93 -25.39 -4.06
C VAL B 12 -0.63 -25.58 -4.82
N HIS B 13 -0.56 -26.71 -5.49
CA HIS B 13 0.49 -26.97 -6.47
C HIS B 13 0.03 -27.66 -7.71
N ALA B 14 0.75 -27.40 -8.78
CA ALA B 14 0.42 -27.98 -10.08
C ALA B 14 1.16 -29.26 -10.29
N PHE B 15 0.49 -30.20 -10.92
CA PHE B 15 1.18 -31.43 -11.32
C PHE B 15 2.15 -31.08 -12.41
N GLY B 16 3.23 -31.82 -12.40
CA GLY B 16 4.31 -31.65 -13.35
C GLY B 16 5.51 -32.52 -13.07
N GLY B 17 6.14 -32.92 -14.15
CA GLY B 17 7.30 -33.82 -14.09
C GLY B 17 6.91 -35.20 -13.60
N GLU B 18 7.93 -35.98 -13.31
CA GLU B 18 7.75 -37.37 -12.83
C GLU B 18 7.48 -37.39 -11.32
N GLY B 19 6.66 -38.37 -10.98
CA GLY B 19 6.35 -38.73 -9.58
C GLY B 19 7.51 -39.44 -8.87
N PRO B 20 7.37 -39.67 -7.56
CA PRO B 20 6.18 -39.46 -6.83
C PRO B 20 6.08 -38.10 -6.21
N ILE B 21 5.09 -38.01 -5.36
CA ILE B 21 4.77 -36.79 -4.62
C ILE B 21 4.84 -37.00 -3.13
N ILE B 22 4.92 -35.88 -2.45
CA ILE B 22 5.03 -35.86 -0.99
C ILE B 22 3.92 -35.04 -0.29
N ILE B 23 3.11 -35.81 0.41
CA ILE B 23 1.94 -35.32 1.16
C ILE B 23 1.90 -35.75 2.62
N GLY B 24 1.87 -34.73 3.46
CA GLY B 24 1.89 -34.88 4.93
C GLY B 24 3.10 -35.67 5.36
N GLY B 25 4.20 -35.34 4.71
CA GLY B 25 5.51 -36.02 4.89
C GLY B 25 5.65 -37.40 4.24
N VAL B 26 4.53 -37.90 3.78
CA VAL B 26 4.46 -39.26 3.21
C VAL B 26 4.73 -39.29 1.72
N ARG B 27 5.67 -40.13 1.37
CA ARG B 27 5.98 -40.43 -0.03
C ARG B 27 4.93 -41.33 -0.67
N ILE B 28 4.24 -40.75 -1.64
CA ILE B 28 3.02 -41.34 -2.26
C ILE B 28 3.19 -41.59 -3.76
N PRO B 29 3.12 -42.87 -4.18
CA PRO B 29 3.40 -43.13 -5.55
C PRO B 29 2.32 -42.57 -6.42
N TYR B 30 2.80 -41.92 -7.46
CA TYR B 30 1.95 -41.30 -8.47
C TYR B 30 2.62 -41.13 -9.83
N GLU B 31 1.81 -41.26 -10.86
CA GLU B 31 2.28 -41.13 -12.28
C GLU B 31 3.04 -39.81 -12.52
N LYS B 32 2.63 -38.85 -11.71
CA LYS B 32 2.98 -37.44 -11.87
C LYS B 32 3.53 -36.82 -10.60
N GLY B 33 4.38 -35.85 -10.81
CA GLY B 33 5.07 -35.11 -9.74
C GLY B 33 4.43 -33.75 -9.47
N LEU B 34 4.90 -33.10 -8.43
CA LEU B 34 4.42 -31.74 -8.08
C LEU B 34 5.49 -30.67 -8.31
N LEU B 35 5.17 -29.81 -9.26
CA LEU B 35 5.97 -28.60 -9.56
C LEU B 35 5.91 -27.61 -8.40
N ALA B 36 7.03 -27.48 -7.72
CA ALA B 36 7.15 -26.49 -6.62
C ALA B 36 8.60 -26.03 -6.35
N HIS B 37 8.71 -24.85 -5.77
CA HIS B 37 10.04 -24.33 -5.38
C HIS B 37 10.60 -25.18 -4.28
N SER B 38 9.71 -25.95 -3.68
CA SER B 38 10.08 -26.83 -2.57
C SER B 38 9.77 -28.29 -2.90
N ASP B 39 9.54 -29.07 -1.86
CA ASP B 39 9.18 -30.50 -2.02
C ASP B 39 7.73 -30.64 -2.50
N GLY B 40 6.99 -29.56 -2.27
CA GLY B 40 5.60 -29.38 -2.80
C GLY B 40 4.53 -30.06 -1.97
N ASP B 41 4.87 -30.22 -0.72
CA ASP B 41 3.94 -30.79 0.27
C ASP B 41 2.85 -29.80 0.68
N VAL B 42 1.76 -29.87 -0.05
CA VAL B 42 0.63 -28.91 0.15
C VAL B 42 -0.08 -29.05 1.48
N ALA B 43 0.00 -30.24 2.04
CA ALA B 43 -0.69 -30.50 3.32
C ALA B 43 0.07 -29.82 4.45
N LEU B 44 1.38 -30.00 4.40
CA LEU B 44 2.27 -29.45 5.44
C LEU B 44 2.30 -27.91 5.34
N HIS B 45 2.31 -27.41 4.11
CA HIS B 45 2.21 -25.94 3.87
C HIS B 45 0.93 -25.38 4.44
N ALA B 46 -0.18 -25.92 4.00
CA ALA B 46 -1.47 -25.40 4.48
C ALA B 46 -1.45 -25.39 6.00
N LEU B 47 -0.84 -26.40 6.56
CA LEU B 47 -0.89 -26.61 8.03
C LEU B 47 -0.09 -25.54 8.76
N THR B 48 1.06 -25.30 8.18
CA THR B 48 2.05 -24.36 8.70
C THR B 48 1.46 -22.96 8.73
N ASP B 49 0.88 -22.61 7.59
CA ASP B 49 0.21 -21.29 7.43
C ASP B 49 -0.93 -21.14 8.44
N ALA B 50 -1.69 -22.21 8.60
CA ALA B 50 -2.75 -22.27 9.64
C ALA B 50 -2.23 -21.98 11.05
N LEU B 51 -1.11 -22.62 11.33
CA LEU B 51 -0.48 -22.57 12.66
C LEU B 51 0.01 -21.15 12.92
N LEU B 52 0.71 -20.67 11.92
CA LEU B 52 1.29 -19.30 11.93
C LEU B 52 0.23 -18.21 12.02
N GLY B 53 -0.80 -18.38 11.22
CA GLY B 53 -1.94 -17.44 11.14
C GLY B 53 -2.68 -17.32 12.47
N ALA B 54 -2.87 -18.46 13.09
CA ALA B 54 -3.48 -18.52 14.43
C ALA B 54 -2.66 -17.62 15.41
N ALA B 55 -1.35 -17.65 15.21
CA ALA B 55 -0.37 -16.94 16.09
C ALA B 55 -0.08 -15.50 15.66
N ALA B 56 -0.70 -15.12 14.57
CA ALA B 56 -0.56 -13.76 13.98
C ALA B 56 0.91 -13.44 13.67
N LEU B 57 1.53 -14.46 13.11
CA LEU B 57 2.92 -14.44 12.56
C LEU B 57 3.01 -14.42 11.02
N GLY B 58 1.83 -14.33 10.44
CA GLY B 58 1.65 -14.06 9.02
C GLY B 58 1.40 -15.28 8.18
N ASP B 59 2.45 -15.67 7.48
CA ASP B 59 2.47 -16.91 6.72
C ASP B 59 3.90 -17.39 6.55
N ILE B 60 4.10 -18.35 5.65
CA ILE B 60 5.43 -19.00 5.52
C ILE B 60 6.51 -18.12 4.90
N GLY B 61 6.18 -17.64 3.71
CA GLY B 61 7.05 -16.70 2.97
C GLY B 61 7.57 -15.59 3.89
N LYS B 62 7.08 -15.62 5.11
CA LYS B 62 7.49 -14.65 6.12
C LYS B 62 8.55 -15.26 7.00
N LEU B 63 9.02 -16.40 6.54
CA LEU B 63 10.00 -17.19 7.29
C LEU B 63 10.88 -18.08 6.39
N ALA B 74 13.39 -27.75 -0.72
CA ALA B 74 13.45 -27.80 0.74
C ALA B 74 12.65 -28.97 1.26
N ASP B 75 12.56 -28.99 2.58
CA ASP B 75 11.77 -30.01 3.32
C ASP B 75 10.65 -29.34 4.11
N SER B 76 9.44 -29.64 3.70
CA SER B 76 8.25 -29.04 4.32
C SER B 76 8.16 -29.37 5.80
N ARG B 77 8.69 -30.52 6.15
CA ARG B 77 8.69 -30.90 7.57
C ARG B 77 9.58 -30.03 8.45
N GLU B 78 10.67 -29.61 7.85
CA GLU B 78 11.66 -28.71 8.52
C GLU B 78 11.08 -27.32 8.73
N LEU B 79 10.48 -26.83 7.67
CA LEU B 79 9.69 -25.57 7.71
C LEU B 79 8.63 -25.60 8.81
N LEU B 80 7.91 -26.71 8.84
CA LEU B 80 6.82 -26.95 9.82
C LEU B 80 7.31 -26.86 11.27
N ARG B 81 8.43 -27.53 11.51
CA ARG B 81 9.05 -27.59 12.86
C ARG B 81 9.64 -26.23 13.28
N GLU B 82 10.17 -25.55 12.27
CA GLU B 82 10.76 -24.20 12.48
C GLU B 82 9.62 -23.29 12.87
N ALA B 83 8.60 -23.28 12.02
CA ALA B 83 7.41 -22.43 12.23
C ALA B 83 6.90 -22.68 13.65
N TRP B 84 6.86 -23.96 13.99
CA TRP B 84 6.30 -24.42 15.27
C TRP B 84 7.12 -23.92 16.45
N ARG B 85 8.40 -23.82 16.19
CA ARG B 85 9.39 -23.36 17.18
C ARG B 85 9.10 -21.89 17.54
N ARG B 86 8.94 -21.11 16.49
CA ARG B 86 8.67 -19.66 16.60
C ARG B 86 7.35 -19.39 17.29
N ILE B 87 6.41 -20.25 16.95
CA ILE B 87 5.03 -20.20 17.45
C ILE B 87 5.02 -20.48 18.96
N GLN B 88 5.75 -21.49 19.33
CA GLN B 88 5.87 -21.88 20.77
C GLN B 88 6.59 -20.82 21.63
N ALA B 89 7.47 -20.10 20.98
CA ALA B 89 8.28 -19.00 21.60
C ALA B 89 7.42 -17.81 22.00
N LYS B 90 6.36 -17.64 21.23
CA LYS B 90 5.32 -16.61 21.45
C LYS B 90 4.38 -17.01 22.60
N GLY B 91 4.59 -18.21 23.11
CA GLY B 91 3.83 -18.73 24.29
C GLY B 91 2.63 -19.62 24.01
N TYR B 92 2.55 -20.08 22.79
CA TYR B 92 1.43 -20.93 22.38
C TYR B 92 1.68 -22.41 22.51
N THR B 93 0.62 -23.09 22.87
CA THR B 93 0.56 -24.54 22.79
C THR B 93 -0.53 -25.05 21.88
N LEU B 94 -0.34 -26.28 21.46
CA LEU B 94 -1.26 -26.92 20.49
C LEU B 94 -2.55 -27.33 21.17
N GLY B 95 -3.60 -26.92 20.51
CA GLY B 95 -4.97 -27.34 20.87
C GLY B 95 -5.31 -28.57 20.04
N ASN B 96 -5.61 -28.30 18.79
CA ASN B 96 -5.71 -29.36 17.78
C ASN B 96 -5.65 -28.83 16.37
N VAL B 97 -5.42 -29.75 15.48
CA VAL B 97 -5.42 -29.46 14.05
C VAL B 97 -6.29 -30.42 13.25
N ASP B 98 -6.79 -29.86 12.17
CA ASP B 98 -7.55 -30.59 11.12
C ASP B 98 -7.15 -30.14 9.70
N VAL B 99 -6.88 -31.13 8.89
CA VAL B 99 -6.34 -30.95 7.52
C VAL B 99 -7.22 -31.64 6.47
N THR B 100 -7.44 -30.91 5.40
CA THR B 100 -8.30 -31.36 4.32
C THR B 100 -7.60 -31.29 2.97
N ILE B 101 -7.18 -32.46 2.52
CA ILE B 101 -6.57 -32.62 1.19
C ILE B 101 -7.65 -32.74 0.13
N ILE B 102 -7.48 -31.92 -0.90
CA ILE B 102 -8.37 -31.86 -2.07
C ILE B 102 -7.65 -32.31 -3.36
N ALA B 103 -8.04 -33.48 -3.79
CA ALA B 103 -7.38 -34.21 -4.91
C ALA B 103 -8.28 -35.26 -5.51
N GLN B 104 -8.19 -35.34 -6.82
CA GLN B 104 -8.87 -36.38 -7.61
C GLN B 104 -8.07 -37.69 -7.52
N ALA B 105 -6.78 -37.49 -7.28
CA ALA B 105 -5.79 -38.59 -7.29
C ALA B 105 -4.39 -38.09 -6.89
N PRO B 106 -3.56 -38.98 -6.35
CA PRO B 106 -3.87 -40.34 -5.98
C PRO B 106 -4.69 -40.43 -4.72
N LYS B 107 -5.02 -41.67 -4.42
CA LYS B 107 -5.74 -42.01 -3.19
C LYS B 107 -4.84 -41.69 -1.98
N MET B 108 -5.40 -40.90 -1.10
CA MET B 108 -4.72 -40.39 0.12
C MET B 108 -4.99 -41.24 1.35
N LEU B 109 -6.12 -41.90 1.30
CA LEU B 109 -6.71 -42.57 2.48
C LEU B 109 -5.77 -43.56 3.21
N PRO B 110 -5.02 -44.38 2.46
CA PRO B 110 -4.14 -45.35 3.07
C PRO B 110 -3.02 -44.71 3.83
N HIS B 111 -2.70 -43.51 3.42
CA HIS B 111 -1.51 -42.73 3.91
C HIS B 111 -1.76 -41.82 5.09
N ILE B 112 -3.04 -41.63 5.37
CA ILE B 112 -3.49 -40.71 6.46
C ILE B 112 -2.90 -41.02 7.85
N PRO B 113 -2.82 -42.30 8.25
CA PRO B 113 -2.24 -42.57 9.56
C PRO B 113 -0.78 -42.17 9.72
N GLN B 114 -0.03 -42.40 8.65
CA GLN B 114 1.42 -42.13 8.68
C GLN B 114 1.68 -40.64 8.67
N MET B 115 0.93 -39.97 7.82
CA MET B 115 0.83 -38.48 7.82
C MET B 115 0.65 -37.97 9.25
N ARG B 116 -0.31 -38.59 9.91
CA ARG B 116 -0.68 -38.15 11.28
C ARG B 116 0.46 -38.36 12.25
N VAL B 117 1.14 -39.47 12.03
CA VAL B 117 2.31 -39.84 12.87
C VAL B 117 3.32 -38.69 12.78
N PHE B 118 3.68 -38.42 11.53
CA PHE B 118 4.73 -37.43 11.18
C PHE B 118 4.39 -36.04 11.74
N ILE B 119 3.16 -35.65 11.52
CA ILE B 119 2.70 -34.32 11.96
C ILE B 119 2.75 -34.20 13.48
N ALA B 120 2.25 -35.24 14.10
CA ALA B 120 2.27 -35.41 15.58
C ALA B 120 3.68 -35.26 16.13
N GLU B 121 4.61 -35.92 15.47
CA GLU B 121 6.04 -35.83 15.86
C GLU B 121 6.54 -34.39 15.76
N ASP B 122 6.41 -33.89 14.56
CA ASP B 122 6.84 -32.51 14.22
C ASP B 122 6.27 -31.43 15.14
N LEU B 123 5.08 -31.69 15.66
CA LEU B 123 4.36 -30.72 16.54
C LEU B 123 4.49 -31.01 18.03
N GLY B 124 5.18 -32.09 18.28
CA GLY B 124 5.38 -32.62 19.64
C GLY B 124 4.13 -33.00 20.39
N CYS B 125 3.10 -33.33 19.63
CA CYS B 125 1.78 -33.63 20.21
C CYS B 125 1.37 -35.09 20.09
N HIS B 126 0.23 -35.38 20.70
CA HIS B 126 -0.43 -36.67 20.49
C HIS B 126 -1.20 -36.66 19.21
N MET B 127 -1.26 -37.86 18.66
CA MET B 127 -1.96 -38.20 17.42
C MET B 127 -3.40 -37.80 17.47
N ASP B 128 -3.97 -37.86 18.65
CA ASP B 128 -5.41 -37.57 18.80
C ASP B 128 -5.72 -36.09 18.65
N GLU B 129 -4.68 -35.32 18.49
CA GLU B 129 -4.87 -33.86 18.32
C GLU B 129 -4.69 -33.43 16.89
N VAL B 130 -4.48 -34.45 16.06
CA VAL B 130 -4.27 -34.31 14.62
C VAL B 130 -5.25 -35.12 13.78
N ASN B 131 -5.99 -34.38 12.97
CA ASN B 131 -6.89 -34.98 11.96
C ASN B 131 -6.54 -34.60 10.53
N VAL B 132 -6.48 -35.63 9.72
CA VAL B 132 -6.31 -35.48 8.27
C VAL B 132 -7.42 -36.18 7.50
N LYS B 133 -7.87 -35.49 6.48
CA LYS B 133 -8.90 -35.95 5.54
C LYS B 133 -8.54 -35.69 4.09
N ALA B 134 -9.29 -36.39 3.27
CA ALA B 134 -9.27 -36.21 1.83
C ALA B 134 -10.68 -36.15 1.24
N THR B 135 -10.77 -35.37 0.18
CA THR B 135 -11.97 -35.32 -0.67
C THR B 135 -11.57 -35.04 -2.12
N THR B 136 -12.46 -35.43 -3.00
CA THR B 136 -12.31 -35.06 -4.41
C THR B 136 -13.32 -33.98 -4.71
N THR B 137 -13.09 -33.34 -5.84
CA THR B 137 -14.03 -32.34 -6.36
C THR B 137 -14.88 -32.91 -7.49
N GLU B 138 -14.90 -34.23 -7.52
CA GLU B 138 -15.78 -35.01 -8.43
C GLU B 138 -15.54 -34.61 -9.86
N LYS B 139 -14.27 -34.49 -10.18
CA LYS B 139 -13.84 -34.26 -11.56
C LYS B 139 -14.08 -32.81 -12.02
N LEU B 140 -14.54 -32.00 -11.09
CA LEU B 140 -14.66 -30.54 -11.30
C LEU B 140 -13.45 -29.72 -10.89
N GLY B 141 -13.39 -28.55 -11.50
CA GLY B 141 -12.22 -27.62 -11.43
C GLY B 141 -10.82 -28.19 -11.69
N PHE B 142 -9.82 -27.39 -11.35
CA PHE B 142 -8.40 -27.74 -11.63
C PHE B 142 -7.95 -29.04 -10.94
N THR B 143 -8.45 -29.25 -9.74
CA THR B 143 -8.21 -30.53 -9.01
C THR B 143 -8.84 -31.70 -9.78
N GLY B 144 -10.10 -31.47 -10.10
CA GLY B 144 -10.95 -32.40 -10.87
C GLY B 144 -10.41 -32.86 -12.20
N ARG B 145 -9.72 -31.93 -12.85
CA ARG B 145 -9.10 -32.15 -14.20
C ARG B 145 -7.72 -32.77 -14.07
N GLY B 146 -7.34 -32.97 -12.82
CA GLY B 146 -6.03 -33.54 -12.47
C GLY B 146 -4.86 -32.62 -12.77
N GLU B 147 -5.14 -31.33 -12.66
CA GLU B 147 -4.14 -30.27 -13.01
C GLU B 147 -3.24 -29.99 -11.85
N GLY B 148 -3.78 -30.32 -10.70
CA GLY B 148 -3.13 -30.04 -9.43
C GLY B 148 -3.82 -30.54 -8.19
N ILE B 149 -3.16 -30.25 -7.08
CA ILE B 149 -3.66 -30.61 -5.76
C ILE B 149 -3.71 -29.40 -4.86
N ALA B 150 -4.74 -29.41 -4.05
CA ALA B 150 -4.95 -28.38 -3.05
C ALA B 150 -5.13 -29.00 -1.67
N CYS B 151 -5.00 -28.16 -0.67
CA CYS B 151 -5.22 -28.60 0.71
C CYS B 151 -5.57 -27.39 1.54
N GLU B 152 -6.59 -27.53 2.37
CA GLU B 152 -6.91 -26.53 3.38
C GLU B 152 -6.53 -27.16 4.72
N ALA B 153 -6.28 -26.30 5.69
CA ALA B 153 -6.07 -26.67 7.11
C ALA B 153 -6.62 -25.61 8.07
N VAL B 154 -7.14 -26.09 9.18
CA VAL B 154 -7.45 -25.21 10.32
C VAL B 154 -6.74 -25.70 11.56
N ALA B 155 -6.57 -24.72 12.44
CA ALA B 155 -5.79 -24.87 13.68
C ALA B 155 -6.30 -24.05 14.87
N LEU B 156 -6.37 -24.76 15.98
CA LEU B 156 -6.68 -24.18 17.30
C LEU B 156 -5.44 -24.19 18.20
N LEU B 157 -5.07 -22.98 18.62
CA LEU B 157 -3.98 -22.75 19.60
C LEU B 157 -4.47 -22.29 20.99
N MET B 158 -3.76 -22.82 21.96
CA MET B 158 -3.95 -22.45 23.39
C MET B 158 -2.79 -21.58 23.91
N LYS B 159 -3.15 -20.52 24.59
CA LYS B 159 -2.15 -19.67 25.34
C LYS B 159 -2.33 -19.79 26.84
N ALA C 3 -11.50 -28.85 27.21
CA ALA C 3 -10.74 -28.45 26.00
C ALA C 3 -11.63 -28.30 24.76
N MET C 4 -11.33 -27.25 24.03
CA MET C 4 -12.03 -26.95 22.79
C MET C 4 -11.37 -27.70 21.64
N ARG C 5 -12.19 -28.06 20.68
CA ARG C 5 -11.70 -28.64 19.41
C ARG C 5 -12.35 -28.00 18.21
N ILE C 6 -11.55 -27.78 17.18
CA ILE C 6 -12.10 -27.30 15.92
C ILE C 6 -11.90 -28.25 14.78
N GLY C 7 -12.82 -28.11 13.86
CA GLY C 7 -12.83 -28.92 12.65
C GLY C 7 -13.25 -28.20 11.39
N HIS C 8 -12.76 -28.77 10.31
CA HIS C 8 -12.98 -28.21 8.97
C HIS C 8 -13.32 -29.26 7.96
N GLY C 9 -14.38 -28.91 7.25
CA GLY C 9 -14.99 -29.77 6.23
C GLY C 9 -15.30 -29.11 4.90
N PHE C 10 -15.21 -29.95 3.88
CA PHE C 10 -15.35 -29.53 2.49
C PHE C 10 -15.92 -30.59 1.56
N ASP C 11 -16.93 -30.19 0.84
CA ASP C 11 -17.55 -31.10 -0.13
C ASP C 11 -18.04 -30.41 -1.38
N VAL C 12 -18.18 -31.27 -2.38
CA VAL C 12 -18.48 -30.90 -3.77
C VAL C 12 -19.23 -32.01 -4.51
N HIS C 13 -20.29 -31.61 -5.19
CA HIS C 13 -20.97 -32.49 -6.15
C HIS C 13 -21.28 -31.83 -7.44
N ALA C 14 -21.35 -32.68 -8.45
CA ALA C 14 -21.59 -32.24 -9.81
C ALA C 14 -23.05 -32.32 -10.15
N PHE C 15 -23.48 -31.35 -10.96
CA PHE C 15 -24.83 -31.37 -11.56
C PHE C 15 -24.97 -32.43 -12.63
N GLY C 16 -26.17 -32.96 -12.62
CA GLY C 16 -26.52 -34.08 -13.47
C GLY C 16 -27.88 -34.67 -13.15
N GLY C 17 -28.40 -35.33 -14.17
CA GLY C 17 -29.77 -35.80 -14.13
C GLY C 17 -30.77 -34.70 -13.86
N GLU C 18 -31.92 -35.12 -13.39
CA GLU C 18 -33.04 -34.23 -13.15
C GLU C 18 -33.10 -33.87 -11.68
N GLY C 19 -33.48 -32.62 -11.48
CA GLY C 19 -33.76 -32.05 -10.14
C GLY C 19 -34.94 -32.72 -9.43
N PRO C 20 -35.20 -32.32 -8.17
CA PRO C 20 -34.47 -31.32 -7.45
C PRO C 20 -33.24 -31.85 -6.75
N ILE C 21 -32.63 -30.92 -6.05
CA ILE C 21 -31.46 -31.21 -5.23
C ILE C 21 -31.85 -31.14 -3.77
N ILE C 22 -31.02 -31.80 -2.98
CA ILE C 22 -31.13 -31.79 -1.50
C ILE C 22 -29.90 -31.17 -0.80
N ILE C 23 -30.19 -30.11 -0.06
CA ILE C 23 -29.19 -29.27 0.62
C ILE C 23 -29.60 -28.92 2.05
N GLY C 24 -28.76 -29.31 2.97
CA GLY C 24 -28.99 -29.07 4.40
C GLY C 24 -30.27 -29.76 4.81
N GLY C 25 -30.50 -30.86 4.13
CA GLY C 25 -31.71 -31.67 4.33
C GLY C 25 -32.99 -31.18 3.66
N VAL C 26 -32.85 -30.05 3.00
CA VAL C 26 -33.99 -29.38 2.33
C VAL C 26 -34.05 -29.70 0.83
N ARG C 27 -35.22 -30.16 0.45
CA ARG C 27 -35.56 -30.39 -0.96
C ARG C 27 -35.79 -29.04 -1.64
N ILE C 28 -34.88 -28.74 -2.57
CA ILE C 28 -34.82 -27.45 -3.29
C ILE C 28 -35.05 -27.61 -4.81
N PRO C 29 -36.08 -26.94 -5.36
CA PRO C 29 -36.33 -27.13 -6.76
C PRO C 29 -35.29 -26.49 -7.60
N TYR C 30 -35.01 -27.19 -8.65
CA TYR C 30 -33.98 -26.79 -9.59
C TYR C 30 -34.04 -27.63 -10.84
N GLU C 31 -33.55 -27.04 -11.92
CA GLU C 31 -33.67 -27.69 -13.24
C GLU C 31 -32.78 -28.93 -13.31
N LYS C 32 -31.77 -28.90 -12.47
CA LYS C 32 -30.78 -29.97 -12.43
C LYS C 32 -30.71 -30.69 -11.12
N GLY C 33 -30.24 -31.91 -11.23
CA GLY C 33 -29.95 -32.75 -10.07
C GLY C 33 -28.47 -32.84 -9.75
N LEU C 34 -28.22 -33.49 -8.61
CA LEU C 34 -26.85 -33.73 -8.11
C LEU C 34 -26.39 -35.20 -8.20
N LEU C 35 -25.42 -35.40 -9.07
CA LEU C 35 -24.73 -36.71 -9.22
C LEU C 35 -23.94 -37.05 -7.95
N ALA C 36 -24.49 -38.00 -7.22
CA ALA C 36 -23.81 -38.49 -6.01
C ALA C 36 -24.11 -39.95 -5.68
N HIS C 37 -23.12 -40.59 -5.05
CA HIS C 37 -23.28 -41.96 -4.53
C HIS C 37 -24.41 -41.98 -3.53
N SER C 38 -24.45 -40.88 -2.79
CA SER C 38 -25.56 -40.55 -1.87
C SER C 38 -26.57 -39.59 -2.49
N ASP C 39 -27.47 -39.15 -1.62
CA ASP C 39 -28.46 -38.06 -1.91
C ASP C 39 -27.84 -36.71 -2.28
N GLY C 40 -26.54 -36.62 -2.10
CA GLY C 40 -25.71 -35.54 -2.71
C GLY C 40 -25.72 -34.20 -1.99
N ASP C 41 -26.12 -34.31 -0.74
CA ASP C 41 -26.26 -33.17 0.19
C ASP C 41 -24.90 -32.64 0.70
N VAL C 42 -24.32 -31.77 -0.10
CA VAL C 42 -22.92 -31.29 0.15
C VAL C 42 -22.82 -30.53 1.45
N ALA C 43 -23.87 -29.81 1.77
CA ALA C 43 -23.90 -29.04 3.02
C ALA C 43 -23.74 -29.97 4.26
N LEU C 44 -24.52 -31.05 4.27
CA LEU C 44 -24.43 -32.02 5.40
C LEU C 44 -23.13 -32.84 5.40
N HIS C 45 -22.67 -33.23 4.23
CA HIS C 45 -21.34 -33.93 4.09
C HIS C 45 -20.17 -33.13 4.59
N ALA C 46 -20.16 -31.88 4.14
CA ALA C 46 -19.12 -30.92 4.59
C ALA C 46 -19.16 -30.75 6.12
N LEU C 47 -20.38 -30.70 6.62
CA LEU C 47 -20.64 -30.39 8.06
C LEU C 47 -20.17 -31.56 8.93
N THR C 48 -20.54 -32.72 8.43
CA THR C 48 -20.21 -34.03 9.03
C THR C 48 -18.71 -34.24 9.15
N ASP C 49 -18.05 -33.98 8.04
CA ASP C 49 -16.56 -33.94 7.96
C ASP C 49 -15.93 -32.96 8.94
N ALA C 50 -16.47 -31.76 8.98
CA ALA C 50 -16.03 -30.74 9.97
C ALA C 50 -16.09 -31.30 11.40
N LEU C 51 -17.21 -31.95 11.69
CA LEU C 51 -17.49 -32.47 13.05
C LEU C 51 -16.60 -33.65 13.39
N LEU C 52 -16.42 -34.49 12.38
CA LEU C 52 -15.58 -35.71 12.49
C LEU C 52 -14.15 -35.26 12.71
N GLY C 53 -13.77 -34.27 11.93
CA GLY C 53 -12.43 -33.66 12.00
C GLY C 53 -12.03 -33.16 13.39
N ALA C 54 -12.94 -32.38 13.95
CA ALA C 54 -12.76 -31.80 15.30
C ALA C 54 -12.51 -32.90 16.35
N ALA C 55 -13.30 -33.94 16.21
CA ALA C 55 -13.25 -35.15 17.08
C ALA C 55 -12.07 -36.05 16.77
N ALA C 56 -11.38 -35.73 15.69
CA ALA C 56 -10.24 -36.53 15.21
C ALA C 56 -10.67 -37.98 14.94
N LEU C 57 -11.83 -38.06 14.32
CA LEU C 57 -12.46 -39.34 13.84
C LEU C 57 -12.27 -39.60 12.34
N GLY C 58 -11.57 -38.67 11.70
CA GLY C 58 -11.23 -38.75 10.27
C GLY C 58 -12.16 -38.00 9.33
N ASP C 59 -12.98 -38.77 8.64
CA ASP C 59 -13.95 -38.26 7.64
C ASP C 59 -15.09 -39.22 7.30
N ILE C 60 -16.04 -38.71 6.54
CA ILE C 60 -17.27 -39.48 6.13
C ILE C 60 -16.89 -40.84 5.53
N GLY C 61 -15.89 -40.78 4.68
CA GLY C 61 -15.43 -41.95 3.90
C GLY C 61 -14.86 -43.09 4.72
N LYS C 62 -14.10 -42.73 5.74
CA LYS C 62 -13.50 -43.71 6.67
C LYS C 62 -14.58 -44.46 7.45
N LEU C 63 -15.70 -43.78 7.59
CA LEU C 63 -16.85 -44.32 8.37
C LEU C 63 -17.86 -45.08 7.55
N PHE C 64 -18.13 -44.49 6.40
CA PHE C 64 -19.18 -44.95 5.45
C PHE C 64 -18.71 -45.01 3.97
N PRO C 65 -17.81 -45.95 3.64
CA PRO C 65 -17.21 -45.92 2.33
C PRO C 65 -18.16 -46.08 1.17
N ASP C 66 -18.09 -45.07 0.34
CA ASP C 66 -18.84 -44.99 -0.92
C ASP C 66 -18.11 -45.77 -2.03
N GLY C 73 -28.06 -43.47 -2.37
CA GLY C 73 -29.26 -42.71 -2.02
C GLY C 73 -29.42 -42.51 -0.54
N ALA C 74 -28.31 -42.71 0.16
CA ALA C 74 -28.23 -42.56 1.63
C ALA C 74 -28.74 -41.20 2.09
N ASP C 75 -29.58 -41.26 3.10
CA ASP C 75 -30.03 -40.03 3.75
C ASP C 75 -28.83 -39.49 4.51
N SER C 76 -28.36 -38.38 3.99
CA SER C 76 -27.16 -37.70 4.52
C SER C 76 -27.37 -37.29 5.97
N ARG C 77 -28.62 -37.11 6.32
CA ARG C 77 -29.01 -36.81 7.71
C ARG C 77 -28.76 -37.95 8.68
N GLU C 78 -28.98 -39.13 8.15
CA GLU C 78 -28.73 -40.39 8.89
C GLU C 78 -27.24 -40.54 9.19
N LEU C 79 -26.44 -40.27 8.17
CA LEU C 79 -24.96 -40.23 8.30
C LEU C 79 -24.54 -39.20 9.36
N LEU C 80 -25.09 -38.03 9.19
CA LEU C 80 -24.81 -36.91 10.12
C LEU C 80 -25.10 -37.35 11.54
N ARG C 81 -26.22 -38.00 11.73
CA ARG C 81 -26.69 -38.42 13.08
C ARG C 81 -25.81 -39.48 13.74
N GLU C 82 -25.36 -40.38 12.88
CA GLU C 82 -24.53 -41.52 13.29
C GLU C 82 -23.15 -41.04 13.71
N ALA C 83 -22.65 -40.16 12.87
CA ALA C 83 -21.34 -39.51 13.08
C ALA C 83 -21.34 -38.83 14.41
N TRP C 84 -22.44 -38.12 14.62
CA TRP C 84 -22.59 -37.27 15.81
C TRP C 84 -22.68 -38.11 17.06
N ARG C 85 -23.21 -39.29 16.87
CA ARG C 85 -23.44 -40.26 17.96
C ARG C 85 -22.10 -40.80 18.45
N ARG C 86 -21.26 -41.04 17.47
CA ARG C 86 -19.86 -41.47 17.70
C ARG C 86 -19.01 -40.37 18.33
N ILE C 87 -19.25 -39.16 17.88
CA ILE C 87 -18.55 -37.98 18.43
C ILE C 87 -18.95 -37.83 19.89
N GLN C 88 -20.23 -38.03 20.13
CA GLN C 88 -20.81 -37.87 21.49
C GLN C 88 -20.30 -38.93 22.45
N ALA C 89 -20.07 -40.09 21.87
CA ALA C 89 -19.59 -41.28 22.59
C ALA C 89 -18.14 -41.12 23.03
N LYS C 90 -17.48 -40.25 22.30
CA LYS C 90 -16.04 -39.97 22.46
C LYS C 90 -15.79 -38.86 23.49
N GLY C 91 -16.87 -38.40 24.08
CA GLY C 91 -16.84 -37.37 25.16
C GLY C 91 -17.30 -35.96 24.80
N TYR C 92 -17.54 -35.76 23.52
CA TYR C 92 -17.78 -34.40 22.99
C TYR C 92 -19.21 -33.89 23.01
N THR C 93 -19.24 -32.57 23.14
CA THR C 93 -20.45 -31.78 22.94
C THR C 93 -20.29 -30.57 22.03
N LEU C 94 -21.42 -30.14 21.52
CA LEU C 94 -21.45 -29.07 20.50
C LEU C 94 -21.24 -27.70 21.11
N GLY C 95 -20.28 -27.04 20.53
CA GLY C 95 -20.04 -25.62 20.74
C GLY C 95 -20.91 -24.82 19.78
N ASN C 96 -20.50 -24.89 18.52
CA ASN C 96 -21.18 -24.25 17.36
C ASN C 96 -20.72 -24.77 15.99
N VAL C 97 -21.61 -24.59 15.02
CA VAL C 97 -21.23 -24.84 13.62
C VAL C 97 -21.56 -23.68 12.70
N ASP C 98 -20.81 -23.66 11.61
CA ASP C 98 -20.96 -22.61 10.60
C ASP C 98 -20.70 -23.19 9.24
N VAL C 99 -21.70 -22.98 8.39
CA VAL C 99 -21.70 -23.57 7.02
C VAL C 99 -21.75 -22.55 5.88
N THR C 100 -20.94 -22.82 4.90
CA THR C 100 -20.84 -21.94 3.74
C THR C 100 -21.08 -22.71 2.45
N ILE C 101 -22.25 -22.44 1.91
CA ILE C 101 -22.75 -23.02 0.64
C ILE C 101 -22.29 -22.14 -0.52
N ILE C 102 -21.64 -22.78 -1.46
CA ILE C 102 -21.07 -22.10 -2.64
C ILE C 102 -21.72 -22.61 -3.94
N ALA C 103 -22.54 -21.72 -4.48
CA ALA C 103 -23.47 -22.04 -5.59
C ALA C 103 -23.92 -20.81 -6.36
N GLN C 104 -23.79 -20.89 -7.67
CA GLN C 104 -24.36 -19.83 -8.57
C GLN C 104 -25.87 -19.85 -8.47
N ALA C 105 -26.35 -21.03 -8.15
CA ALA C 105 -27.78 -21.34 -8.14
C ALA C 105 -28.04 -22.82 -7.85
N PRO C 106 -29.23 -23.15 -7.34
CA PRO C 106 -30.32 -22.24 -7.05
C PRO C 106 -30.13 -21.41 -5.80
N LYS C 107 -31.09 -20.54 -5.64
CA LYS C 107 -31.14 -19.61 -4.51
C LYS C 107 -31.33 -20.37 -3.21
N MET C 108 -30.40 -20.19 -2.30
CA MET C 108 -30.36 -20.97 -1.04
C MET C 108 -31.08 -20.29 0.09
N LEU C 109 -31.05 -18.98 -0.01
CA LEU C 109 -31.45 -18.10 1.11
C LEU C 109 -32.80 -18.41 1.80
N PRO C 110 -33.84 -18.72 1.02
CA PRO C 110 -35.13 -18.91 1.66
C PRO C 110 -35.25 -20.24 2.38
N HIS C 111 -34.37 -21.15 2.01
CA HIS C 111 -34.36 -22.51 2.62
C HIS C 111 -33.50 -22.61 3.80
N ILE C 112 -32.82 -21.51 4.12
CA ILE C 112 -31.79 -21.55 5.17
C ILE C 112 -32.39 -21.86 6.54
N PRO C 113 -33.47 -21.17 6.94
CA PRO C 113 -34.09 -21.45 8.24
C PRO C 113 -34.45 -22.89 8.48
N GLN C 114 -34.96 -23.55 7.45
CA GLN C 114 -35.39 -24.98 7.54
C GLN C 114 -34.19 -25.93 7.68
N MET C 115 -33.12 -25.59 6.98
CA MET C 115 -31.79 -26.30 7.10
C MET C 115 -31.32 -26.36 8.54
N ARG C 116 -31.30 -25.16 9.09
CA ARG C 116 -30.86 -24.90 10.47
C ARG C 116 -31.71 -25.74 11.42
N VAL C 117 -33.01 -25.71 11.15
CA VAL C 117 -33.98 -26.53 11.92
C VAL C 117 -33.56 -27.99 11.89
N PHE C 118 -33.32 -28.47 10.69
CA PHE C 118 -32.95 -29.91 10.49
C PHE C 118 -31.64 -30.22 11.25
N ILE C 119 -30.63 -29.42 10.98
CA ILE C 119 -29.27 -29.63 11.56
C ILE C 119 -29.30 -29.63 13.11
N ALA C 120 -30.00 -28.64 13.65
CA ALA C 120 -30.17 -28.49 15.13
C ALA C 120 -30.81 -29.74 15.71
N GLU C 121 -31.81 -30.16 14.98
CA GLU C 121 -32.56 -31.37 15.31
C GLU C 121 -31.59 -32.55 15.37
N ASP C 122 -30.91 -32.74 14.25
CA ASP C 122 -30.01 -33.88 14.03
C ASP C 122 -28.87 -33.90 15.08
N LEU C 123 -28.41 -32.71 15.42
CA LEU C 123 -27.31 -32.53 16.40
C LEU C 123 -27.73 -32.42 17.86
N GLY C 124 -29.02 -32.30 18.05
CA GLY C 124 -29.61 -32.20 19.40
C GLY C 124 -29.30 -30.89 20.10
N CYS C 125 -29.02 -29.89 19.28
CA CYS C 125 -28.72 -28.52 19.75
C CYS C 125 -29.82 -27.50 19.50
N HIS C 126 -29.64 -26.36 20.13
CA HIS C 126 -30.43 -25.18 19.81
C HIS C 126 -29.94 -24.67 18.50
N MET C 127 -30.78 -23.91 17.80
CA MET C 127 -30.41 -23.54 16.41
C MET C 127 -29.52 -22.32 16.29
N ASP C 128 -29.48 -21.55 17.36
CA ASP C 128 -28.50 -20.41 17.49
C ASP C 128 -27.06 -20.90 17.50
N GLU C 129 -26.91 -22.19 17.63
CA GLU C 129 -25.58 -22.83 17.55
C GLU C 129 -25.23 -23.29 16.13
N VAL C 130 -26.18 -23.06 15.24
CA VAL C 130 -26.08 -23.42 13.81
C VAL C 130 -26.27 -22.22 12.88
N ASN C 131 -25.20 -21.92 12.18
CA ASN C 131 -25.23 -20.90 11.13
C ASN C 131 -25.03 -21.52 9.77
N VAL C 132 -25.88 -21.08 8.86
CA VAL C 132 -25.74 -21.42 7.42
C VAL C 132 -25.78 -20.14 6.60
N LYS C 133 -24.89 -20.14 5.63
CA LYS C 133 -24.69 -19.02 4.68
C LYS C 133 -24.54 -19.57 3.28
N ALA C 134 -24.72 -18.64 2.36
CA ALA C 134 -24.58 -18.90 0.92
C ALA C 134 -23.85 -17.79 0.16
N THR C 135 -23.02 -18.20 -0.76
CA THR C 135 -22.34 -17.24 -1.62
C THR C 135 -22.14 -17.76 -3.04
N THR C 136 -22.04 -16.81 -3.93
CA THR C 136 -21.77 -17.06 -5.36
C THR C 136 -20.27 -16.95 -5.57
N THR C 137 -19.80 -17.42 -6.71
CA THR C 137 -18.42 -17.10 -7.16
C THR C 137 -18.38 -16.19 -8.40
N GLU C 138 -19.50 -15.51 -8.55
CA GLU C 138 -19.75 -14.49 -9.61
C GLU C 138 -19.40 -15.02 -10.99
N LYS C 139 -19.98 -16.15 -11.30
CA LYS C 139 -19.83 -16.80 -12.63
C LYS C 139 -18.42 -17.38 -12.90
N LEU C 140 -17.59 -17.32 -11.88
CA LEU C 140 -16.20 -17.85 -11.94
C LEU C 140 -16.10 -19.27 -11.47
N GLY C 141 -15.28 -19.99 -12.19
CA GLY C 141 -14.92 -21.36 -11.86
C GLY C 141 -16.02 -22.36 -12.14
N PHE C 142 -15.83 -23.58 -11.67
CA PHE C 142 -16.85 -24.66 -11.93
C PHE C 142 -18.20 -24.37 -11.25
N THR C 143 -18.16 -23.74 -10.10
CA THR C 143 -19.44 -23.32 -9.45
C THR C 143 -20.14 -22.27 -10.31
N GLY C 144 -19.30 -21.36 -10.76
CA GLY C 144 -19.70 -20.17 -11.54
C GLY C 144 -20.35 -20.47 -12.88
N ARG C 145 -19.79 -21.47 -13.55
CA ARG C 145 -20.29 -21.99 -14.85
C ARG C 145 -21.43 -22.98 -14.72
N GLY C 146 -21.90 -23.09 -13.49
CA GLY C 146 -23.04 -23.95 -13.12
C GLY C 146 -22.79 -25.46 -13.25
N GLU C 147 -21.54 -25.83 -13.08
CA GLU C 147 -21.10 -27.25 -13.24
C GLU C 147 -21.34 -28.06 -11.97
N GLY C 148 -21.40 -27.31 -10.88
CA GLY C 148 -21.53 -27.90 -9.57
C GLY C 148 -21.79 -26.99 -8.41
N ILE C 149 -22.02 -27.66 -7.29
CA ILE C 149 -22.13 -27.02 -5.98
C ILE C 149 -21.03 -27.51 -5.03
N ALA C 150 -20.55 -26.56 -4.27
CA ALA C 150 -19.52 -26.77 -3.25
C ALA C 150 -20.06 -26.29 -1.92
N CYS C 151 -19.50 -26.88 -0.89
CA CYS C 151 -19.76 -26.44 0.50
C CYS C 151 -18.54 -26.63 1.39
N GLU C 152 -18.32 -25.62 2.18
CA GLU C 152 -17.37 -25.63 3.28
C GLU C 152 -18.07 -25.46 4.61
N ALA C 153 -17.52 -26.16 5.58
CA ALA C 153 -17.97 -26.06 6.97
C ALA C 153 -16.84 -26.06 8.02
N VAL C 154 -17.08 -25.26 9.04
CA VAL C 154 -16.29 -25.30 10.28
C VAL C 154 -17.16 -25.68 11.46
N ALA C 155 -16.52 -26.37 12.38
CA ALA C 155 -17.14 -26.82 13.64
C ALA C 155 -16.21 -26.71 14.83
N LEU C 156 -16.86 -26.34 15.91
CA LEU C 156 -16.24 -26.18 17.23
C LEU C 156 -16.92 -27.11 18.22
N LEU C 157 -16.12 -28.04 18.72
CA LEU C 157 -16.54 -28.99 19.80
C LEU C 157 -15.92 -28.69 21.17
N MET C 158 -16.74 -28.92 22.18
CA MET C 158 -16.31 -28.94 23.62
C MET C 158 -16.27 -30.34 24.28
N LYS C 159 -15.28 -30.48 25.14
CA LYS C 159 -15.11 -31.73 25.94
C LYS C 159 -15.55 -31.53 27.39
N ALA D 3 -8.69 25.49 -12.73
CA ALA D 3 -8.12 26.85 -12.58
C ALA D 3 -6.63 26.80 -12.93
N MET D 4 -5.83 27.08 -11.92
CA MET D 4 -4.39 26.96 -12.04
C MET D 4 -3.97 25.77 -11.20
N ARG D 5 -2.94 25.10 -11.67
CA ARG D 5 -2.37 23.95 -10.96
C ARG D 5 -0.88 24.10 -10.84
N ILE D 6 -0.41 23.65 -9.70
CA ILE D 6 1.02 23.68 -9.38
C ILE D 6 1.62 22.29 -9.24
N GLY D 7 2.82 22.21 -9.76
CA GLY D 7 3.66 21.00 -9.74
C GLY D 7 5.12 21.18 -9.37
N HIS D 8 5.66 20.12 -8.80
CA HIS D 8 7.05 20.08 -8.35
C HIS D 8 7.73 18.78 -8.65
N GLY D 9 8.95 18.91 -9.11
CA GLY D 9 9.77 17.78 -9.50
C GLY D 9 11.19 17.80 -9.01
N PHE D 10 11.75 16.62 -8.92
CA PHE D 10 13.10 16.40 -8.38
C PHE D 10 13.75 15.16 -8.94
N ASP D 11 14.98 15.32 -9.36
CA ASP D 11 15.75 14.18 -9.84
C ASP D 11 17.25 14.26 -9.63
N VAL D 12 17.81 13.07 -9.62
CA VAL D 12 19.22 12.87 -9.32
C VAL D 12 19.81 11.69 -10.09
N HIS D 13 20.95 11.94 -10.67
CA HIS D 13 21.73 10.86 -11.27
C HIS D 13 23.18 10.94 -10.87
N ALA D 14 23.78 9.78 -10.70
CA ALA D 14 25.19 9.72 -10.33
C ALA D 14 26.06 9.74 -11.56
N PHE D 15 27.25 10.30 -11.38
CA PHE D 15 28.33 10.21 -12.39
C PHE D 15 28.91 8.84 -12.47
N GLY D 16 29.16 8.50 -13.71
CA GLY D 16 29.79 7.23 -14.10
C GLY D 16 30.01 7.06 -15.58
N GLY D 17 31.01 6.24 -15.88
CA GLY D 17 31.43 6.00 -17.26
C GLY D 17 31.96 7.26 -17.92
N GLU D 18 32.15 7.16 -19.23
CA GLU D 18 32.65 8.28 -20.02
C GLU D 18 31.53 9.24 -20.36
N GLY D 19 31.93 10.47 -20.51
CA GLY D 19 31.06 11.57 -20.96
C GLY D 19 30.86 11.50 -22.46
N PRO D 20 30.07 12.42 -23.03
CA PRO D 20 29.44 13.54 -22.37
C PRO D 20 28.14 13.21 -21.69
N ILE D 21 27.55 14.29 -21.23
CA ILE D 21 26.26 14.26 -20.54
C ILE D 21 25.19 15.06 -21.25
N ILE D 22 23.96 14.63 -21.05
CA ILE D 22 22.81 15.29 -21.64
C ILE D 22 21.97 15.95 -20.55
N ILE D 23 21.98 17.26 -20.62
CA ILE D 23 21.21 18.13 -19.74
C ILE D 23 20.39 19.14 -20.52
N GLY D 24 19.11 19.11 -20.22
CA GLY D 24 18.11 19.99 -20.88
C GLY D 24 18.01 19.66 -22.36
N GLY D 25 18.28 18.41 -22.66
CA GLY D 25 18.37 17.97 -24.08
C GLY D 25 19.66 18.34 -24.81
N VAL D 26 20.49 19.09 -24.12
CA VAL D 26 21.79 19.51 -24.64
C VAL D 26 22.93 18.56 -24.25
N ARG D 27 23.69 18.23 -25.27
CA ARG D 27 24.88 17.43 -25.12
C ARG D 27 26.02 18.33 -24.64
N ILE D 28 26.38 18.11 -23.39
CA ILE D 28 27.43 18.88 -22.69
C ILE D 28 28.72 18.06 -22.46
N PRO D 29 29.87 18.53 -22.98
CA PRO D 29 31.07 17.81 -22.70
C PRO D 29 31.43 17.83 -21.25
N TYR D 30 31.96 16.69 -20.87
CA TYR D 30 32.37 16.41 -19.51
C TYR D 30 33.18 15.15 -19.43
N GLU D 31 34.04 15.13 -18.41
CA GLU D 31 35.00 13.99 -18.21
C GLU D 31 34.22 12.68 -18.03
N LYS D 32 33.12 12.83 -17.32
CA LYS D 32 32.21 11.71 -17.00
C LYS D 32 30.83 11.82 -17.60
N GLY D 33 30.22 10.66 -17.65
CA GLY D 33 28.82 10.50 -18.06
C GLY D 33 27.89 10.32 -16.88
N LEU D 34 26.62 10.23 -17.20
CA LEU D 34 25.55 10.00 -16.17
C LEU D 34 24.93 8.62 -16.24
N LEU D 35 25.16 7.85 -15.19
CA LEU D 35 24.50 6.52 -14.99
C LEU D 35 22.98 6.62 -14.88
N ALA D 36 22.34 5.94 -15.80
CA ALA D 36 20.86 5.87 -15.84
C ALA D 36 20.29 4.86 -16.83
N HIS D 37 19.06 4.47 -16.55
CA HIS D 37 18.32 3.55 -17.45
C HIS D 37 18.12 4.25 -18.77
N SER D 38 17.64 5.48 -18.63
CA SER D 38 17.51 6.42 -19.75
C SER D 38 18.83 7.15 -20.07
N ASP D 39 18.71 8.17 -20.89
CA ASP D 39 19.84 9.07 -21.27
C ASP D 39 20.36 9.92 -20.09
N GLY D 40 19.65 9.86 -18.98
CA GLY D 40 20.17 10.48 -17.73
C GLY D 40 19.93 11.97 -17.58
N ASP D 41 19.05 12.47 -18.44
CA ASP D 41 18.72 13.91 -18.48
C ASP D 41 17.98 14.36 -17.21
N VAL D 42 18.79 14.66 -16.21
CA VAL D 42 18.29 14.97 -14.84
C VAL D 42 17.30 16.15 -14.86
N ALA D 43 17.58 17.10 -15.74
CA ALA D 43 16.81 18.38 -15.80
C ALA D 43 15.40 18.19 -16.38
N LEU D 44 15.39 17.49 -17.50
CA LEU D 44 14.13 17.13 -18.19
C LEU D 44 13.26 16.19 -17.34
N HIS D 45 13.88 15.24 -16.69
CA HIS D 45 13.13 14.33 -15.77
C HIS D 45 12.45 15.09 -14.66
N ALA D 46 13.18 16.01 -14.06
CA ALA D 46 12.61 16.84 -12.97
C ALA D 46 11.44 17.67 -13.52
N LEU D 47 11.67 18.18 -14.70
CA LEU D 47 10.70 19.08 -15.36
C LEU D 47 9.40 18.29 -15.60
N THR D 48 9.64 17.12 -16.15
CA THR D 48 8.56 16.19 -16.59
C THR D 48 7.69 15.80 -15.40
N ASP D 49 8.36 15.49 -14.31
CA ASP D 49 7.73 15.21 -12.97
C ASP D 49 6.97 16.39 -12.41
N ALA D 50 7.51 17.57 -12.60
CA ALA D 50 6.85 18.83 -12.18
C ALA D 50 5.53 19.01 -12.92
N LEU D 51 5.56 18.67 -14.18
CA LEU D 51 4.40 18.88 -15.09
C LEU D 51 3.30 17.86 -14.79
N LEU D 52 3.74 16.62 -14.71
CA LEU D 52 2.87 15.46 -14.40
C LEU D 52 2.18 15.69 -13.05
N GLY D 53 2.99 16.23 -12.17
CA GLY D 53 2.62 16.47 -10.77
C GLY D 53 1.50 17.48 -10.64
N ALA D 54 1.63 18.55 -11.39
CA ALA D 54 0.60 19.60 -11.45
C ALA D 54 -0.73 19.02 -11.97
N ALA D 55 -0.59 18.16 -12.98
CA ALA D 55 -1.73 17.45 -13.66
C ALA D 55 -2.32 16.26 -12.90
N ALA D 56 -1.73 16.02 -11.75
CA ALA D 56 -2.04 14.84 -10.90
C ALA D 56 -2.04 13.53 -11.69
N LEU D 57 -1.02 13.40 -12.54
CA LEU D 57 -0.83 12.15 -13.36
C LEU D 57 0.25 11.25 -12.81
N GLY D 58 0.65 11.57 -11.60
CA GLY D 58 1.69 10.83 -10.87
C GLY D 58 3.12 11.32 -11.08
N ASP D 59 3.87 10.44 -11.72
CA ASP D 59 5.28 10.68 -11.97
C ASP D 59 5.83 9.87 -13.13
N ILE D 60 7.06 10.19 -13.47
CA ILE D 60 7.69 9.66 -14.70
C ILE D 60 7.99 8.16 -14.63
N GLY D 61 8.32 7.69 -13.44
CA GLY D 61 8.70 6.29 -13.26
C GLY D 61 7.50 5.37 -13.41
N LYS D 62 6.36 5.97 -13.20
CA LYS D 62 5.08 5.26 -13.32
C LYS D 62 4.80 5.02 -14.79
N LEU D 63 4.80 6.12 -15.50
CA LEU D 63 4.63 6.15 -16.97
C LEU D 63 5.65 5.33 -17.69
N PHE D 64 6.90 5.58 -17.31
CA PHE D 64 8.08 4.91 -17.95
C PHE D 64 9.04 4.25 -16.96
N PRO D 65 8.71 3.04 -16.52
CA PRO D 65 9.49 2.34 -15.55
C PRO D 65 10.84 1.86 -16.02
N ASP D 66 11.77 1.99 -15.09
CA ASP D 66 13.17 1.48 -15.24
C ASP D 66 13.18 -0.01 -15.53
N THR D 67 12.19 -0.67 -14.96
CA THR D 67 11.98 -2.15 -15.09
C THR D 67 11.58 -2.60 -16.50
N ASP D 68 11.25 -1.60 -17.31
CA ASP D 68 10.74 -1.77 -18.71
C ASP D 68 11.79 -1.40 -19.78
N PRO D 69 12.26 -2.38 -20.56
CA PRO D 69 13.39 -2.17 -21.47
C PRO D 69 13.09 -1.33 -22.69
N ALA D 70 11.81 -1.14 -22.92
CA ALA D 70 11.33 -0.13 -23.91
C ALA D 70 11.85 1.29 -23.62
N PHE D 71 12.50 1.44 -22.48
CA PHE D 71 12.96 2.80 -22.05
C PHE D 71 14.46 2.96 -21.84
N LYS D 72 15.15 1.86 -22.04
CA LYS D 72 16.61 1.84 -21.99
C LYS D 72 17.14 2.80 -23.05
N GLY D 73 17.97 3.71 -22.60
CA GLY D 73 18.58 4.75 -23.46
C GLY D 73 17.61 5.74 -24.07
N ALA D 74 16.43 5.78 -23.48
CA ALA D 74 15.35 6.66 -23.95
C ALA D 74 15.79 8.12 -24.06
N ASP D 75 15.39 8.74 -25.14
CA ASP D 75 15.52 10.20 -25.27
C ASP D 75 14.52 10.81 -24.31
N SER D 76 15.05 11.53 -23.35
CA SER D 76 14.20 12.20 -22.31
C SER D 76 13.28 13.27 -22.87
N ARG D 77 13.66 13.78 -24.01
CA ARG D 77 12.77 14.71 -24.73
C ARG D 77 11.47 14.07 -25.21
N GLU D 78 11.56 12.84 -25.68
CA GLU D 78 10.33 12.08 -26.03
C GLU D 78 9.44 11.90 -24.81
N LEU D 79 10.11 11.48 -23.75
CA LEU D 79 9.45 11.24 -22.47
C LEU D 79 8.64 12.51 -22.08
N LEU D 80 9.32 13.61 -22.23
CA LEU D 80 8.74 14.93 -21.88
C LEU D 80 7.54 15.22 -22.79
N ARG D 81 7.80 15.11 -24.07
CA ARG D 81 6.76 15.30 -25.14
C ARG D 81 5.48 14.43 -24.92
N GLU D 82 5.70 13.24 -24.42
CA GLU D 82 4.63 12.24 -24.27
C GLU D 82 3.81 12.55 -23.05
N ALA D 83 4.56 12.82 -22.00
CA ALA D 83 4.01 13.33 -20.74
C ALA D 83 3.10 14.52 -21.04
N TRP D 84 3.60 15.32 -21.95
CA TRP D 84 2.98 16.61 -22.25
C TRP D 84 1.71 16.43 -23.06
N ARG D 85 1.76 15.45 -23.92
CA ARG D 85 0.58 15.08 -24.74
C ARG D 85 -0.60 14.76 -23.80
N ARG D 86 -0.26 13.93 -22.83
CA ARG D 86 -1.23 13.36 -21.88
C ARG D 86 -1.80 14.47 -21.02
N ILE D 87 -0.92 15.37 -20.68
CA ILE D 87 -1.25 16.45 -19.77
C ILE D 87 -2.27 17.30 -20.47
N GLN D 88 -1.94 17.57 -21.72
CA GLN D 88 -2.78 18.37 -22.65
C GLN D 88 -4.12 17.74 -22.98
N ALA D 89 -4.15 16.43 -23.00
CA ALA D 89 -5.39 15.68 -23.29
C ALA D 89 -6.37 15.82 -22.12
N LYS D 90 -5.79 16.01 -20.95
CA LYS D 90 -6.53 16.35 -19.70
C LYS D 90 -7.08 17.79 -19.66
N GLY D 91 -6.78 18.53 -20.71
CA GLY D 91 -7.34 19.90 -20.92
C GLY D 91 -6.43 21.04 -20.47
N TYR D 92 -5.24 20.64 -20.06
CA TYR D 92 -4.22 21.59 -19.56
C TYR D 92 -3.38 22.23 -20.63
N THR D 93 -3.12 23.49 -20.37
CA THR D 93 -2.08 24.25 -21.11
C THR D 93 -1.00 24.89 -20.22
N LEU D 94 0.08 25.28 -20.87
CA LEU D 94 1.28 25.77 -20.15
C LEU D 94 1.11 27.19 -19.60
N GLY D 95 1.39 27.29 -18.33
CA GLY D 95 1.50 28.58 -17.66
C GLY D 95 2.94 29.07 -17.77
N ASN D 96 3.75 28.49 -16.93
CA ASN D 96 5.21 28.62 -16.99
C ASN D 96 5.89 27.50 -16.23
N VAL D 97 7.17 27.38 -16.55
CA VAL D 97 8.09 26.46 -15.85
C VAL D 97 9.38 27.16 -15.43
N ASP D 98 9.94 26.62 -14.37
CA ASP D 98 11.23 27.07 -13.82
C ASP D 98 12.05 25.90 -13.28
N VAL D 99 13.29 25.89 -13.67
CA VAL D 99 14.19 24.76 -13.44
C VAL D 99 15.52 25.18 -12.81
N THR D 100 16.00 24.30 -11.98
CA THR D 100 17.24 24.54 -11.21
C THR D 100 18.19 23.36 -11.18
N ILE D 101 19.24 23.54 -11.95
CA ILE D 101 20.28 22.53 -12.07
C ILE D 101 21.26 22.74 -10.94
N ILE D 102 21.43 21.68 -10.19
CA ILE D 102 22.38 21.64 -9.07
C ILE D 102 23.59 20.78 -9.41
N ALA D 103 24.67 21.45 -9.65
CA ALA D 103 25.91 20.79 -10.12
C ALA D 103 27.14 21.60 -9.82
N GLN D 104 28.17 20.90 -9.41
CA GLN D 104 29.47 21.54 -9.11
C GLN D 104 30.12 21.85 -10.43
N ALA D 105 30.03 20.83 -11.26
CA ALA D 105 30.48 20.84 -12.67
C ALA D 105 29.64 19.84 -13.50
N PRO D 106 29.64 19.97 -14.84
CA PRO D 106 30.31 21.01 -15.53
C PRO D 106 29.45 22.23 -15.61
N LYS D 107 30.02 23.18 -16.32
CA LYS D 107 29.46 24.50 -16.53
C LYS D 107 28.24 24.43 -17.46
N MET D 108 27.14 24.89 -16.91
CA MET D 108 25.79 24.77 -17.50
C MET D 108 25.33 25.99 -18.24
N LEU D 109 25.82 27.11 -17.76
CA LEU D 109 25.27 28.42 -18.10
C LEU D 109 25.29 28.79 -19.59
N PRO D 110 26.33 28.40 -20.30
CA PRO D 110 26.40 28.68 -21.72
C PRO D 110 25.40 27.88 -22.52
N HIS D 111 25.00 26.75 -21.97
CA HIS D 111 23.97 25.83 -22.59
C HIS D 111 22.51 26.15 -22.28
N ILE D 112 22.30 27.08 -21.37
CA ILE D 112 20.92 27.42 -20.92
C ILE D 112 19.99 27.90 -22.05
N PRO D 113 20.43 28.80 -22.92
CA PRO D 113 19.54 29.20 -24.01
C PRO D 113 19.03 28.06 -24.88
N GLN D 114 19.94 27.15 -25.21
CA GLN D 114 19.60 26.00 -26.09
C GLN D 114 18.59 25.07 -25.40
N MET D 115 18.87 24.78 -24.16
CA MET D 115 17.92 24.07 -23.26
C MET D 115 16.53 24.68 -23.41
N ARG D 116 16.51 26.00 -23.27
CA ARG D 116 15.25 26.79 -23.36
C ARG D 116 14.56 26.61 -24.70
N VAL D 117 15.34 26.61 -25.75
CA VAL D 117 14.82 26.37 -27.12
C VAL D 117 14.14 25.01 -27.23
N PHE D 118 14.85 24.02 -26.74
CA PHE D 118 14.39 22.62 -26.73
C PHE D 118 13.10 22.44 -25.95
N ILE D 119 13.13 22.92 -24.71
CA ILE D 119 11.98 22.78 -23.79
C ILE D 119 10.74 23.44 -24.38
N ALA D 120 10.97 24.64 -24.88
CA ALA D 120 9.94 25.50 -25.54
C ALA D 120 9.27 24.80 -26.73
N GLU D 121 10.13 24.24 -27.55
CA GLU D 121 9.69 23.40 -28.69
C GLU D 121 8.80 22.26 -28.28
N ASP D 122 9.34 21.51 -27.34
CA ASP D 122 8.73 20.25 -26.82
C ASP D 122 7.37 20.50 -26.13
N LEU D 123 7.29 21.62 -25.43
CA LEU D 123 6.05 22.03 -24.70
C LEU D 123 5.17 22.94 -25.56
N GLY D 124 5.65 23.16 -26.76
CA GLY D 124 4.97 24.03 -27.74
C GLY D 124 4.63 25.42 -27.22
N CYS D 125 5.58 25.97 -26.49
CA CYS D 125 5.44 27.33 -25.92
C CYS D 125 6.52 28.31 -26.35
N HIS D 126 6.38 29.50 -25.79
CA HIS D 126 7.34 30.58 -26.00
C HIS D 126 8.45 30.44 -25.00
N MET D 127 9.60 30.91 -25.41
CA MET D 127 10.84 30.87 -24.60
C MET D 127 10.64 31.58 -23.26
N ASP D 128 9.80 32.60 -23.28
CA ASP D 128 9.58 33.45 -22.08
C ASP D 128 8.87 32.73 -20.96
N GLU D 129 8.27 31.61 -21.30
CA GLU D 129 7.53 30.77 -20.29
C GLU D 129 8.43 29.72 -19.69
N VAL D 130 9.69 29.86 -20.04
CA VAL D 130 10.70 28.88 -19.65
C VAL D 130 11.96 29.49 -19.08
N ASN D 131 12.18 29.16 -17.83
CA ASN D 131 13.41 29.55 -17.13
C ASN D 131 14.22 28.35 -16.67
N VAL D 132 15.49 28.42 -16.99
CA VAL D 132 16.48 27.47 -16.47
C VAL D 132 17.61 28.18 -15.75
N LYS D 133 18.01 27.58 -14.65
CA LYS D 133 19.11 28.07 -13.79
C LYS D 133 20.00 26.95 -13.32
N ALA D 134 21.15 27.40 -12.88
CA ALA D 134 22.17 26.53 -12.31
C ALA D 134 22.73 27.10 -11.02
N THR D 135 23.03 26.19 -10.13
CA THR D 135 23.81 26.51 -8.94
C THR D 135 24.74 25.38 -8.53
N THR D 136 25.80 25.77 -7.86
CA THR D 136 26.63 24.79 -7.17
C THR D 136 26.21 24.74 -5.72
N THR D 137 26.62 23.68 -5.07
CA THR D 137 26.49 23.58 -3.60
C THR D 137 27.82 23.85 -2.89
N GLU D 138 28.67 24.52 -3.64
CA GLU D 138 29.95 25.08 -3.15
C GLU D 138 30.78 24.03 -2.44
N LYS D 139 30.91 22.93 -3.16
CA LYS D 139 31.74 21.76 -2.76
C LYS D 139 31.12 20.91 -1.63
N LEU D 140 29.91 21.30 -1.26
CA LEU D 140 29.12 20.57 -0.25
C LEU D 140 28.28 19.42 -0.80
N GLY D 141 28.23 18.38 0.02
CA GLY D 141 27.43 17.18 -0.24
C GLY D 141 27.82 16.39 -1.47
N PHE D 142 26.93 15.49 -1.88
CA PHE D 142 27.20 14.60 -3.06
C PHE D 142 27.40 15.40 -4.35
N THR D 143 26.69 16.49 -4.50
CA THR D 143 26.93 17.34 -5.73
C THR D 143 28.32 17.98 -5.65
N GLY D 144 28.54 18.62 -4.52
CA GLY D 144 29.83 19.28 -4.16
C GLY D 144 31.08 18.44 -4.34
N ARG D 145 30.95 17.19 -3.94
CA ARG D 145 32.04 16.17 -4.05
C ARG D 145 32.16 15.54 -5.46
N GLY D 146 31.31 16.02 -6.35
CA GLY D 146 31.30 15.63 -7.79
C GLY D 146 30.84 14.21 -8.06
N GLU D 147 30.02 13.73 -7.14
CA GLU D 147 29.43 12.36 -7.19
C GLU D 147 28.24 12.23 -8.15
N GLY D 148 27.66 13.38 -8.41
CA GLY D 148 26.52 13.48 -9.30
C GLY D 148 25.82 14.82 -9.39
N ILE D 149 24.81 14.81 -10.21
CA ILE D 149 24.03 16.01 -10.51
C ILE D 149 22.60 15.82 -10.04
N ALA D 150 22.08 16.91 -9.55
CA ALA D 150 20.68 17.01 -9.08
C ALA D 150 19.93 18.14 -9.79
N CYS D 151 18.64 17.94 -9.94
CA CYS D 151 17.76 18.97 -10.52
C CYS D 151 16.39 19.07 -9.85
N GLU D 152 15.93 20.28 -9.77
CA GLU D 152 14.58 20.62 -9.26
C GLU D 152 13.86 21.42 -10.32
N ALA D 153 12.57 21.26 -10.31
CA ALA D 153 11.68 22.02 -11.19
C ALA D 153 10.34 22.30 -10.53
N VAL D 154 9.81 23.46 -10.85
CA VAL D 154 8.41 23.79 -10.61
C VAL D 154 7.71 24.16 -11.91
N ALA D 155 6.43 23.86 -11.93
CA ALA D 155 5.53 24.14 -13.05
C ALA D 155 4.17 24.70 -12.66
N LEU D 156 3.69 25.51 -13.56
CA LEU D 156 2.38 26.10 -13.44
C LEU D 156 1.56 25.77 -14.68
N LEU D 157 0.48 25.05 -14.45
CA LEU D 157 -0.51 24.70 -15.48
C LEU D 157 -1.83 25.48 -15.33
N MET D 158 -2.40 25.72 -16.49
CA MET D 158 -3.71 26.41 -16.63
C MET D 158 -4.74 25.55 -17.37
N LYS D 159 -5.98 25.64 -16.93
CA LYS D 159 -7.12 24.92 -17.59
C LYS D 159 -7.68 25.71 -18.79
N ALA E 3 -2.72 36.24 -15.81
CA ALA E 3 -1.57 35.29 -15.79
C ALA E 3 -0.82 35.41 -14.48
N MET E 4 -0.47 34.24 -13.98
CA MET E 4 0.44 34.13 -12.84
C MET E 4 1.65 33.34 -13.27
N ARG E 5 2.73 33.50 -12.53
CA ARG E 5 4.01 32.84 -12.83
C ARG E 5 4.58 32.22 -11.59
N ILE E 6 5.20 31.08 -11.79
CA ILE E 6 5.84 30.40 -10.68
C ILE E 6 7.32 30.35 -10.81
N GLY E 7 7.94 30.47 -9.67
CA GLY E 7 9.38 30.47 -9.55
C GLY E 7 9.92 29.75 -8.34
N HIS E 8 11.14 29.26 -8.54
CA HIS E 8 11.82 28.42 -7.55
C HIS E 8 13.30 28.67 -7.48
N GLY E 9 13.75 28.66 -6.23
CA GLY E 9 15.15 28.92 -5.87
C GLY E 9 15.80 28.05 -4.82
N PHE E 10 17.09 27.93 -4.99
CA PHE E 10 17.89 27.08 -4.09
C PHE E 10 19.23 27.71 -3.93
N ASP E 11 19.72 27.67 -2.71
CA ASP E 11 21.10 28.10 -2.42
C ASP E 11 21.79 27.45 -1.22
N VAL E 12 23.09 27.42 -1.35
CA VAL E 12 23.97 26.80 -0.37
C VAL E 12 25.27 27.57 -0.16
N HIS E 13 25.64 27.69 1.09
CA HIS E 13 26.96 28.22 1.47
C HIS E 13 27.62 27.43 2.55
N ALA E 14 28.90 27.19 2.37
CA ALA E 14 29.66 26.44 3.35
C ALA E 14 30.01 27.30 4.56
N PHE E 15 30.30 26.63 5.66
CA PHE E 15 30.79 27.34 6.85
C PHE E 15 32.27 27.55 6.75
N GLY E 16 32.64 28.74 7.20
CA GLY E 16 34.05 29.20 7.19
C GLY E 16 34.37 30.58 7.70
N GLY E 17 35.60 30.66 8.17
CA GLY E 17 36.11 31.87 8.82
C GLY E 17 35.28 32.27 10.03
N GLU E 18 35.12 33.58 10.15
CA GLU E 18 34.48 34.16 11.35
C GLU E 18 33.09 34.74 11.15
N GLY E 19 32.30 34.45 12.15
CA GLY E 19 30.92 34.94 12.30
C GLY E 19 30.85 36.45 12.45
N PRO E 20 29.64 37.01 12.44
CA PRO E 20 28.43 36.24 12.35
C PRO E 20 28.06 35.94 10.93
N ILE E 21 26.89 35.33 10.83
CA ILE E 21 26.20 35.12 9.54
C ILE E 21 25.06 36.10 9.34
N ILE E 22 24.78 36.31 8.07
CA ILE E 22 23.61 37.09 7.67
C ILE E 22 22.65 36.19 6.94
N ILE E 23 21.45 36.20 7.46
CA ILE E 23 20.32 35.43 6.92
C ILE E 23 19.04 36.21 6.84
N GLY E 24 18.51 36.24 5.65
CA GLY E 24 17.26 36.95 5.38
C GLY E 24 17.39 38.36 5.92
N GLY E 25 18.61 38.85 5.78
CA GLY E 25 18.99 40.25 6.11
C GLY E 25 19.24 40.53 7.58
N VAL E 26 19.40 39.44 8.30
CA VAL E 26 19.64 39.49 9.76
C VAL E 26 20.94 38.85 10.24
N ARG E 27 21.71 39.70 10.89
CA ARG E 27 22.99 39.32 11.49
C ARG E 27 22.72 38.39 12.68
N ILE E 28 23.21 37.18 12.54
CA ILE E 28 23.03 36.10 13.54
C ILE E 28 24.36 35.60 14.10
N PRO E 29 24.54 35.70 15.43
CA PRO E 29 25.82 35.31 15.92
C PRO E 29 26.02 33.83 15.79
N TYR E 30 27.22 33.52 15.39
CA TYR E 30 27.69 32.14 15.22
C TYR E 30 29.22 32.04 15.22
N GLU E 31 29.71 30.91 15.72
CA GLU E 31 31.20 30.70 15.91
C GLU E 31 31.95 30.67 14.57
N LYS E 32 31.14 30.48 13.55
CA LYS E 32 31.61 30.51 12.15
C LYS E 32 30.71 31.39 11.30
N GLY E 33 31.32 31.92 10.26
CA GLY E 33 30.62 32.70 9.24
C GLY E 33 30.33 31.88 7.99
N LEU E 34 29.69 32.54 7.03
CA LEU E 34 29.42 31.96 5.68
C LEU E 34 30.40 32.40 4.59
N LEU E 35 31.13 31.42 4.07
CA LEU E 35 31.98 31.63 2.87
C LEU E 35 31.09 31.99 1.69
N ALA E 36 31.23 33.21 1.26
CA ALA E 36 30.53 33.71 0.06
C ALA E 36 31.33 34.76 -0.69
N HIS E 37 31.07 34.85 -1.98
CA HIS E 37 31.60 36.00 -2.75
C HIS E 37 30.98 37.25 -2.17
N SER E 38 29.66 37.20 -2.18
CA SER E 38 28.80 38.22 -1.53
C SER E 38 28.83 38.09 0.00
N ASP E 39 27.86 38.74 0.63
CA ASP E 39 27.67 38.67 2.11
C ASP E 39 27.33 37.25 2.61
N GLY E 40 26.70 36.51 1.71
CA GLY E 40 26.42 35.06 1.92
C GLY E 40 25.06 34.75 2.51
N ASP E 41 24.16 35.67 2.27
CA ASP E 41 22.74 35.60 2.73
C ASP E 41 21.91 34.60 1.91
N VAL E 42 22.17 33.34 2.20
CA VAL E 42 21.56 32.15 1.49
C VAL E 42 20.06 32.32 1.26
N ALA E 43 19.42 32.75 2.34
CA ALA E 43 17.96 33.06 2.34
C ALA E 43 17.57 34.00 1.20
N LEU E 44 18.23 35.14 1.15
CA LEU E 44 17.88 36.19 0.16
C LEU E 44 18.21 35.80 -1.28
N HIS E 45 19.29 35.05 -1.37
CA HIS E 45 19.73 34.45 -2.63
C HIS E 45 18.65 33.58 -3.23
N ALA E 46 18.31 32.56 -2.47
CA ALA E 46 17.28 31.58 -2.90
C ALA E 46 16.05 32.33 -3.36
N LEU E 47 15.69 33.33 -2.56
CA LEU E 47 14.45 34.13 -2.75
C LEU E 47 14.46 34.91 -4.08
N THR E 48 15.59 35.53 -4.30
CA THR E 48 15.85 36.35 -5.49
C THR E 48 15.73 35.49 -6.73
N ASP E 49 16.32 34.32 -6.60
CA ASP E 49 16.33 33.30 -7.68
C ASP E 49 14.93 32.87 -8.09
N ALA E 50 14.10 32.65 -7.08
CA ALA E 50 12.70 32.23 -7.30
C ALA E 50 11.99 33.28 -8.12
N LEU E 51 12.22 34.50 -7.70
CA LEU E 51 11.60 35.70 -8.30
C LEU E 51 12.05 35.86 -9.76
N LEU E 52 13.36 35.82 -9.94
CA LEU E 52 13.99 35.95 -11.28
C LEU E 52 13.51 34.83 -12.16
N GLY E 53 13.43 33.68 -11.52
CA GLY E 53 13.00 32.42 -12.16
C GLY E 53 11.57 32.49 -12.63
N ALA E 54 10.73 32.99 -11.74
CA ALA E 54 9.30 33.19 -12.03
C ALA E 54 9.17 34.10 -13.24
N ALA E 55 10.01 35.11 -13.25
CA ALA E 55 10.00 36.19 -14.29
C ALA E 55 10.69 35.83 -15.62
N ALA E 56 11.36 34.69 -15.63
CA ALA E 56 12.11 34.20 -16.81
C ALA E 56 13.29 35.13 -17.19
N LEU E 57 13.97 35.52 -16.14
CA LEU E 57 15.17 36.41 -16.21
C LEU E 57 16.47 35.72 -15.82
N GLY E 58 16.34 34.42 -15.60
CA GLY E 58 17.47 33.52 -15.32
C GLY E 58 17.73 33.38 -13.83
N ASP E 59 18.88 33.88 -13.42
CA ASP E 59 19.36 33.73 -12.02
C ASP E 59 20.28 34.86 -11.48
N ILE E 60 20.53 34.82 -10.17
CA ILE E 60 21.40 35.86 -9.52
C ILE E 60 22.77 35.94 -10.19
N GLY E 61 23.37 34.77 -10.26
CA GLY E 61 24.78 34.55 -10.69
C GLY E 61 25.10 34.89 -12.13
N LYS E 62 24.05 35.05 -12.91
CA LYS E 62 24.13 35.60 -14.29
C LYS E 62 24.17 37.13 -14.23
N LEU E 63 23.24 37.63 -13.45
CA LEU E 63 23.03 39.09 -13.20
C LEU E 63 24.12 39.77 -12.36
N PHE E 64 24.63 38.97 -11.44
CA PHE E 64 25.67 39.35 -10.45
C PHE E 64 26.80 38.30 -10.34
N PRO E 65 27.59 38.14 -11.41
CA PRO E 65 28.58 37.12 -11.51
C PRO E 65 29.64 37.23 -10.43
N ASP E 66 29.89 36.09 -9.79
CA ASP E 66 30.93 35.94 -8.74
C ASP E 66 32.37 36.03 -9.27
N THR E 67 32.49 36.52 -10.50
CA THR E 67 33.81 36.81 -11.11
C THR E 67 34.15 38.29 -10.95
N ASP E 68 33.20 39.07 -11.44
CA ASP E 68 33.20 40.54 -11.28
C ASP E 68 33.37 40.92 -9.80
N PRO E 69 34.53 41.50 -9.44
CA PRO E 69 34.89 41.74 -8.06
C PRO E 69 34.19 42.91 -7.41
N ALA E 70 33.49 43.65 -8.25
CA ALA E 70 32.57 44.74 -7.81
C ALA E 70 31.48 44.24 -6.86
N PHE E 71 31.25 42.93 -6.91
CA PHE E 71 30.22 42.23 -6.08
C PHE E 71 30.75 41.44 -4.87
N LYS E 72 32.06 41.55 -4.69
CA LYS E 72 32.70 41.16 -3.43
C LYS E 72 32.00 41.87 -2.27
N GLY E 73 31.66 41.05 -1.29
CA GLY E 73 31.08 41.48 0.01
C GLY E 73 29.69 42.08 -0.05
N ALA E 74 29.11 41.98 -1.23
CA ALA E 74 27.85 42.66 -1.57
C ALA E 74 26.68 42.32 -0.62
N ASP E 75 25.93 43.37 -0.37
CA ASP E 75 24.68 43.30 0.41
C ASP E 75 23.55 42.70 -0.44
N SER E 76 23.06 41.58 0.07
CA SER E 76 22.08 40.73 -0.66
C SER E 76 20.72 41.39 -0.82
N ARG E 77 20.41 42.21 0.15
CA ARG E 77 19.16 43.03 0.13
C ARG E 77 19.15 43.99 -1.04
N GLU E 78 20.35 44.36 -1.44
CA GLU E 78 20.54 45.34 -2.52
C GLU E 78 20.32 44.62 -3.84
N LEU E 79 21.02 43.50 -3.94
CA LEU E 79 20.90 42.54 -5.09
C LEU E 79 19.44 42.15 -5.32
N LEU E 80 18.81 41.78 -4.22
CA LEU E 80 17.36 41.50 -4.16
C LEU E 80 16.52 42.66 -4.73
N ARG E 81 16.82 43.85 -4.25
CA ARG E 81 16.05 45.06 -4.65
C ARG E 81 16.30 45.41 -6.10
N GLU E 82 17.50 45.13 -6.54
CA GLU E 82 17.90 45.28 -7.95
C GLU E 82 17.20 44.26 -8.85
N ALA E 83 17.21 43.03 -8.37
CA ALA E 83 16.51 41.91 -9.02
C ALA E 83 15.05 42.27 -9.23
N TRP E 84 14.49 42.72 -8.12
CA TRP E 84 13.05 43.06 -7.99
C TRP E 84 12.69 44.21 -8.87
N ARG E 85 13.65 45.10 -8.91
CA ARG E 85 13.63 46.29 -9.78
C ARG E 85 13.37 45.83 -11.22
N ARG E 86 14.31 45.02 -11.66
CA ARG E 86 14.34 44.43 -13.01
C ARG E 86 13.07 43.61 -13.33
N ILE E 87 12.58 42.96 -12.28
CA ILE E 87 11.35 42.13 -12.40
C ILE E 87 10.11 43.00 -12.57
N GLN E 88 10.06 44.05 -11.77
CA GLN E 88 8.88 44.96 -11.76
C GLN E 88 8.72 45.67 -13.13
N ALA E 89 9.86 45.82 -13.77
CA ALA E 89 9.96 46.46 -15.11
C ALA E 89 9.23 45.65 -16.17
N LYS E 90 9.34 44.34 -16.06
CA LYS E 90 8.73 43.38 -17.05
C LYS E 90 7.21 43.32 -16.94
N GLY E 91 6.70 43.99 -15.92
CA GLY E 91 5.23 44.15 -15.69
C GLY E 91 4.61 43.21 -14.66
N TYR E 92 5.45 42.82 -13.75
CA TYR E 92 5.08 41.93 -12.64
C TYR E 92 4.90 42.63 -11.29
N THR E 93 3.92 42.11 -10.59
CA THR E 93 3.68 42.43 -9.17
C THR E 93 3.76 41.20 -8.32
N LEU E 94 3.97 41.43 -7.04
CA LEU E 94 4.11 40.31 -6.11
C LEU E 94 2.78 39.66 -5.79
N GLY E 95 2.85 38.34 -5.77
CA GLY E 95 1.76 37.48 -5.28
C GLY E 95 1.98 37.06 -3.82
N ASN E 96 2.91 36.15 -3.68
CA ASN E 96 3.42 35.70 -2.37
C ASN E 96 4.74 34.96 -2.45
N VAL E 97 5.38 34.88 -1.30
CA VAL E 97 6.62 34.10 -1.20
C VAL E 97 6.66 33.28 0.09
N ASP E 98 7.44 32.22 -0.04
CA ASP E 98 7.66 31.19 1.01
C ASP E 98 9.11 30.66 0.90
N VAL E 99 9.76 30.76 2.05
CA VAL E 99 11.21 30.52 2.20
C VAL E 99 11.51 29.52 3.31
N THR E 100 12.39 28.59 3.02
CA THR E 100 12.77 27.53 3.96
C THR E 100 14.27 27.47 4.21
N ILE E 101 14.65 27.92 5.39
CA ILE E 101 16.05 27.86 5.87
C ILE E 101 16.36 26.43 6.30
N ILE E 102 17.39 25.83 5.73
CA ILE E 102 17.81 24.47 6.17
C ILE E 102 19.15 24.51 6.88
N ALA E 103 19.07 24.37 8.19
CA ALA E 103 20.22 24.60 9.10
C ALA E 103 20.17 23.84 10.41
N GLN E 104 21.23 23.12 10.68
CA GLN E 104 21.37 22.37 11.96
C GLN E 104 21.44 23.42 13.10
N ALA E 105 22.18 24.47 12.79
CA ALA E 105 22.43 25.59 13.73
C ALA E 105 22.96 26.82 12.98
N PRO E 106 22.73 28.03 13.51
CA PRO E 106 22.06 28.32 14.74
C PRO E 106 20.58 28.41 14.61
N LYS E 107 19.99 28.56 15.77
CA LYS E 107 18.56 28.84 15.91
C LYS E 107 18.21 30.10 15.13
N MET E 108 17.15 29.98 14.35
CA MET E 108 16.63 31.05 13.45
C MET E 108 15.34 31.73 13.92
N LEU E 109 14.58 30.99 14.71
CA LEU E 109 13.25 31.40 15.26
C LEU E 109 13.14 32.84 15.81
N PRO E 110 14.16 33.31 16.54
CA PRO E 110 14.09 34.69 17.04
C PRO E 110 14.27 35.72 15.95
N HIS E 111 15.03 35.31 14.95
CA HIS E 111 15.54 36.24 13.91
C HIS E 111 14.66 36.31 12.70
N ILE E 112 13.70 35.41 12.67
CA ILE E 112 12.76 35.25 11.51
C ILE E 112 11.74 36.41 11.31
N PRO E 113 11.12 36.91 12.39
CA PRO E 113 10.17 38.01 12.20
C PRO E 113 10.79 39.27 11.58
N GLN E 114 12.02 39.53 11.97
CA GLN E 114 12.84 40.62 11.34
C GLN E 114 13.04 40.35 9.84
N MET E 115 13.52 39.15 9.58
CA MET E 115 13.74 38.59 8.20
C MET E 115 12.59 38.95 7.28
N ARG E 116 11.40 38.74 7.81
CA ARG E 116 10.10 38.92 7.06
C ARG E 116 9.86 40.38 6.71
N VAL E 117 9.86 41.17 7.77
CA VAL E 117 9.75 42.66 7.70
C VAL E 117 10.67 43.22 6.61
N PHE E 118 11.91 42.82 6.69
CA PHE E 118 12.92 43.23 5.68
C PHE E 118 12.48 42.85 4.26
N ILE E 119 12.24 41.57 4.08
CA ILE E 119 11.87 41.02 2.74
C ILE E 119 10.68 41.80 2.20
N ALA E 120 9.76 42.03 3.12
CA ALA E 120 8.50 42.75 2.82
C ALA E 120 8.80 44.17 2.35
N GLU E 121 9.68 44.80 3.09
CA GLU E 121 10.21 46.16 2.75
C GLU E 121 10.80 46.19 1.33
N ASP E 122 11.73 45.28 1.13
CA ASP E 122 12.49 45.16 -0.15
C ASP E 122 11.61 44.85 -1.36
N LEU E 123 10.66 43.98 -1.13
CA LEU E 123 9.69 43.57 -2.20
C LEU E 123 8.51 44.55 -2.32
N GLY E 124 8.46 45.42 -1.34
CA GLY E 124 7.43 46.48 -1.24
C GLY E 124 6.02 45.92 -1.17
N CYS E 125 5.88 44.94 -0.30
CA CYS E 125 4.61 44.24 -0.09
C CYS E 125 4.24 44.12 1.38
N HIS E 126 3.05 43.58 1.59
CA HIS E 126 2.58 43.28 2.96
C HIS E 126 3.27 42.07 3.48
N MET E 127 3.34 42.07 4.79
CA MET E 127 4.00 41.03 5.60
C MET E 127 3.36 39.66 5.38
N ASP E 128 2.09 39.74 5.06
CA ASP E 128 1.20 38.56 4.91
C ASP E 128 1.44 37.79 3.64
N GLU E 129 2.32 38.34 2.82
CA GLU E 129 2.68 37.68 1.54
C GLU E 129 4.05 37.01 1.59
N VAL E 130 4.57 37.07 2.80
CA VAL E 130 5.93 36.62 3.13
C VAL E 130 6.01 35.57 4.24
N ASN E 131 6.32 34.37 3.81
CA ASN E 131 6.55 33.28 4.76
C ASN E 131 8.01 32.87 4.88
N VAL E 132 8.44 32.79 6.11
CA VAL E 132 9.79 32.28 6.43
C VAL E 132 9.75 31.21 7.51
N LYS E 133 10.37 30.10 7.14
CA LYS E 133 10.49 28.89 7.98
C LYS E 133 11.93 28.45 8.09
N ALA E 134 12.21 27.74 9.16
CA ALA E 134 13.46 26.99 9.24
C ALA E 134 13.25 25.59 9.75
N THR E 135 14.14 24.76 9.31
CA THR E 135 14.19 23.39 9.79
C THR E 135 15.58 22.85 9.77
N THR E 136 15.67 21.64 10.28
CA THR E 136 16.91 20.93 10.29
C THR E 136 16.78 19.67 9.48
N THR E 137 17.91 19.08 9.21
CA THR E 137 17.97 17.74 8.57
C THR E 137 18.26 16.67 9.59
N GLU E 138 18.03 17.04 10.83
CA GLU E 138 18.11 16.12 11.99
C GLU E 138 19.47 15.42 12.08
N LYS E 139 20.47 16.22 11.85
CA LYS E 139 21.89 15.81 11.89
C LYS E 139 22.30 14.95 10.68
N LEU E 140 21.40 14.92 9.72
CA LEU E 140 21.62 14.24 8.42
C LEU E 140 22.23 15.13 7.35
N GLY E 141 23.08 14.47 6.59
CA GLY E 141 23.77 15.08 5.45
C GLY E 141 24.71 16.20 5.81
N PHE E 142 24.92 17.08 4.84
CA PHE E 142 25.95 18.17 4.92
C PHE E 142 25.49 19.32 5.83
N THR E 143 24.21 19.64 5.75
CA THR E 143 23.60 20.65 6.68
C THR E 143 23.70 20.13 8.12
N GLY E 144 23.46 18.84 8.19
CA GLY E 144 23.31 18.11 9.47
C GLY E 144 24.61 17.89 10.23
N ARG E 145 25.66 17.72 9.45
CA ARG E 145 27.06 17.59 9.95
C ARG E 145 27.61 18.96 10.36
N GLY E 146 26.79 19.95 10.10
CA GLY E 146 27.09 21.36 10.49
C GLY E 146 28.10 22.02 9.57
N GLU E 147 28.12 21.54 8.35
CA GLU E 147 29.09 21.93 7.28
C GLU E 147 28.67 23.16 6.46
N GLY E 148 27.38 23.44 6.51
CA GLY E 148 26.83 24.61 5.81
C GLY E 148 25.34 24.83 5.92
N ILE E 149 24.90 25.92 5.33
CA ILE E 149 23.46 26.26 5.33
C ILE E 149 22.89 26.26 3.92
N ALA E 150 21.89 25.44 3.75
CA ALA E 150 21.11 25.42 2.52
C ALA E 150 19.87 26.24 2.71
N CYS E 151 19.33 26.68 1.60
CA CYS E 151 18.05 27.37 1.65
C CYS E 151 17.24 27.26 0.37
N GLU E 152 15.94 27.11 0.58
CA GLU E 152 14.97 27.05 -0.52
C GLU E 152 13.90 28.11 -0.47
N ALA E 153 13.43 28.43 -1.66
CA ALA E 153 12.31 29.37 -1.82
C ALA E 153 11.47 29.07 -3.06
N VAL E 154 10.19 29.38 -2.89
CA VAL E 154 9.25 29.51 -4.00
C VAL E 154 8.53 30.84 -4.00
N ALA E 155 8.20 31.24 -5.21
CA ALA E 155 7.52 32.52 -5.46
C ALA E 155 6.45 32.48 -6.54
N LEU E 156 5.42 33.23 -6.23
CA LEU E 156 4.31 33.50 -7.15
C LEU E 156 4.23 34.98 -7.51
N LEU E 157 4.31 35.20 -8.80
CA LEU E 157 4.26 36.54 -9.46
C LEU E 157 2.96 36.73 -10.25
N MET E 158 2.48 37.96 -10.15
CA MET E 158 1.23 38.44 -10.79
C MET E 158 1.49 39.50 -11.86
N LYS E 159 1.21 39.12 -13.08
CA LYS E 159 1.27 40.02 -14.27
C LYS E 159 -0.12 40.56 -14.65
N ALA F 3 -7.60 35.45 -5.91
CA ALA F 3 -6.18 35.54 -5.53
C ALA F 3 -5.65 34.16 -5.22
N MET F 4 -4.38 33.99 -5.56
CA MET F 4 -3.71 32.70 -5.41
C MET F 4 -2.46 32.78 -4.56
N ARG F 5 -2.18 31.66 -3.95
CA ARG F 5 -1.08 31.52 -2.99
C ARG F 5 -0.32 30.24 -3.08
N ILE F 6 0.97 30.40 -2.93
CA ILE F 6 1.89 29.28 -3.11
C ILE F 6 2.69 29.03 -1.86
N GLY F 7 2.94 27.76 -1.66
CA GLY F 7 3.71 27.27 -0.52
C GLY F 7 4.61 26.08 -0.78
N HIS F 8 5.58 25.97 0.10
CA HIS F 8 6.59 24.95 -0.03
C HIS F 8 7.04 24.40 1.27
N GLY F 9 7.04 23.09 1.27
CA GLY F 9 7.39 22.29 2.44
C GLY F 9 8.49 21.28 2.21
N PHE F 10 9.17 21.00 3.30
CA PHE F 10 10.35 20.12 3.36
C PHE F 10 10.54 19.53 4.74
N ASP F 11 10.69 18.22 4.77
CA ASP F 11 10.96 17.47 6.02
C ASP F 11 11.88 16.29 5.82
N VAL F 12 12.48 15.92 6.94
CA VAL F 12 13.46 14.83 6.95
C VAL F 12 13.44 14.11 8.28
N HIS F 13 13.69 12.82 8.21
CA HIS F 13 13.91 12.04 9.43
C HIS F 13 14.89 10.96 9.19
N ALA F 14 15.54 10.57 10.26
CA ALA F 14 16.56 9.51 10.18
C ALA F 14 15.98 8.14 10.43
N PHE F 15 16.58 7.18 9.75
CA PHE F 15 16.23 5.78 10.01
C PHE F 15 16.86 5.39 11.34
N GLY F 16 15.99 4.93 12.22
CA GLY F 16 16.43 4.37 13.50
C GLY F 16 15.43 3.48 14.22
N GLY F 17 16.00 2.38 14.69
CA GLY F 17 15.24 1.30 15.35
C GLY F 17 14.60 0.37 14.34
N GLU F 18 13.59 -0.34 14.82
CA GLU F 18 12.79 -1.28 13.99
C GLU F 18 11.57 -0.65 13.34
N GLY F 19 11.33 -1.13 12.14
CA GLY F 19 10.16 -0.75 11.33
C GLY F 19 8.85 -1.19 11.96
N PRO F 20 7.72 -0.76 11.38
CA PRO F 20 7.74 0.00 10.15
C PRO F 20 7.56 1.48 10.29
N ILE F 21 7.43 2.07 9.13
CA ILE F 21 7.34 3.50 9.01
C ILE F 21 5.99 3.92 8.50
N ILE F 22 5.68 5.18 8.72
CA ILE F 22 4.41 5.76 8.29
C ILE F 22 4.60 6.94 7.35
N ILE F 23 4.05 6.76 6.16
CA ILE F 23 4.19 7.78 5.14
C ILE F 23 2.89 8.06 4.44
N GLY F 24 2.54 9.33 4.43
CA GLY F 24 1.31 9.77 3.74
C GLY F 24 0.09 9.16 4.40
N GLY F 25 0.31 8.76 5.64
CA GLY F 25 -0.74 8.11 6.48
C GLY F 25 -0.72 6.60 6.49
N VAL F 26 0.11 6.08 5.60
CA VAL F 26 0.23 4.64 5.27
C VAL F 26 1.38 3.92 6.00
N ARG F 27 0.99 2.83 6.62
CA ARG F 27 1.93 1.90 7.26
C ARG F 27 2.63 1.01 6.22
N ILE F 28 3.94 1.25 6.10
CA ILE F 28 4.81 0.59 5.08
C ILE F 28 5.85 -0.36 5.69
N PRO F 29 5.74 -1.65 5.41
CA PRO F 29 6.75 -2.47 6.03
C PRO F 29 8.14 -2.14 5.56
N TYR F 30 9.00 -2.03 6.54
CA TYR F 30 10.44 -1.78 6.34
C TYR F 30 11.31 -2.40 7.45
N GLU F 31 12.51 -2.77 7.06
CA GLU F 31 13.53 -3.36 7.97
C GLU F 31 13.81 -2.41 9.13
N LYS F 32 13.96 -1.16 8.74
CA LYS F 32 14.27 -0.08 9.69
C LYS F 32 13.04 0.77 9.94
N GLY F 33 13.01 1.28 11.16
CA GLY F 33 11.99 2.25 11.60
C GLY F 33 12.49 3.67 11.40
N LEU F 34 11.68 4.63 11.83
CA LEU F 34 12.02 6.08 11.75
C LEU F 34 12.12 6.79 13.11
N LEU F 35 13.33 7.28 13.35
CA LEU F 35 13.65 8.15 14.52
C LEU F 35 12.95 9.50 14.46
N ALA F 36 11.82 9.57 15.13
CA ALA F 36 11.06 10.84 15.21
C ALA F 36 10.42 11.17 16.56
N HIS F 37 10.13 12.45 16.72
CA HIS F 37 9.38 12.98 17.89
C HIS F 37 7.91 12.63 17.77
N SER F 38 7.52 12.49 16.53
CA SER F 38 6.16 11.99 16.15
C SER F 38 6.19 10.62 15.45
N ASP F 39 5.11 10.37 14.71
CA ASP F 39 4.96 9.16 13.85
C ASP F 39 5.97 9.14 12.71
N GLY F 40 6.59 10.29 12.55
CA GLY F 40 7.74 10.51 11.64
C GLY F 40 7.35 10.59 10.19
N ASP F 41 6.10 10.99 10.01
CA ASP F 41 5.47 11.05 8.66
C ASP F 41 5.97 12.27 7.86
N VAL F 42 7.07 12.05 7.18
CA VAL F 42 7.75 13.14 6.40
C VAL F 42 6.87 13.74 5.32
N ALA F 43 6.09 12.89 4.68
CA ALA F 43 5.25 13.33 3.56
C ALA F 43 4.23 14.36 4.08
N LEU F 44 3.54 13.96 5.13
CA LEU F 44 2.41 14.78 5.65
C LEU F 44 2.91 16.05 6.34
N HIS F 45 4.05 15.91 6.99
CA HIS F 45 4.78 17.06 7.55
C HIS F 45 5.06 18.10 6.49
N ALA F 46 5.76 17.64 5.48
CA ALA F 46 6.23 18.55 4.41
C ALA F 46 5.02 19.26 3.78
N LEU F 47 3.96 18.51 3.68
CA LEU F 47 2.71 18.98 3.06
C LEU F 47 2.02 20.03 3.92
N THR F 48 2.02 19.77 5.20
CA THR F 48 1.39 20.68 6.19
C THR F 48 2.09 22.02 6.19
N ASP F 49 3.41 21.93 6.17
CA ASP F 49 4.26 23.16 6.10
C ASP F 49 4.00 23.94 4.80
N ALA F 50 3.94 23.19 3.71
CA ALA F 50 3.57 23.78 2.41
C ALA F 50 2.28 24.57 2.53
N LEU F 51 1.26 23.90 3.04
CA LEU F 51 -0.09 24.54 3.17
C LEU F 51 -0.06 25.78 4.09
N LEU F 52 0.67 25.63 5.17
CA LEU F 52 0.85 26.75 6.14
C LEU F 52 1.62 27.91 5.49
N GLY F 53 2.63 27.50 4.75
CA GLY F 53 3.51 28.40 3.96
C GLY F 53 2.69 29.33 3.10
N ALA F 54 2.00 28.70 2.17
CA ALA F 54 1.06 29.35 1.24
C ALA F 54 0.24 30.43 1.94
N ALA F 55 -0.24 30.07 3.12
CA ALA F 55 -1.16 30.94 3.94
C ALA F 55 -0.44 31.94 4.84
N ALA F 56 0.87 31.87 4.82
CA ALA F 56 1.72 32.76 5.63
C ALA F 56 1.30 32.62 7.11
N LEU F 57 1.25 31.37 7.51
CA LEU F 57 0.98 30.97 8.92
C LEU F 57 2.23 30.37 9.56
N GLY F 58 3.26 30.43 8.76
CA GLY F 58 4.64 30.10 9.16
C GLY F 58 4.98 28.67 8.91
N ASP F 59 4.78 27.90 9.95
CA ASP F 59 4.99 26.46 9.89
C ASP F 59 4.28 25.75 11.03
N ILE F 60 4.62 24.50 11.20
CA ILE F 60 3.93 23.65 12.16
C ILE F 60 4.16 24.11 13.57
N GLY F 61 5.44 24.26 13.85
CA GLY F 61 5.91 24.72 15.17
C GLY F 61 5.15 25.96 15.61
N LYS F 62 4.83 26.81 14.65
CA LYS F 62 4.20 28.14 14.96
C LYS F 62 2.73 28.04 15.43
N LEU F 63 2.30 26.79 15.61
CA LEU F 63 0.89 26.44 15.99
C LEU F 63 0.76 25.55 17.26
N ASP F 75 -0.20 13.26 16.29
CA ASP F 75 -0.40 12.44 15.09
C ASP F 75 -0.44 13.31 13.83
N SER F 76 0.38 12.94 12.85
CA SER F 76 0.60 13.81 11.63
C SER F 76 -0.67 14.18 10.84
N ARG F 77 -1.64 13.29 10.86
CA ARG F 77 -2.94 13.52 10.17
C ARG F 77 -3.83 14.46 10.93
N GLU F 78 -3.78 14.29 12.23
CA GLU F 78 -4.46 15.18 13.20
C GLU F 78 -3.96 16.61 12.95
N LEU F 79 -2.64 16.69 12.86
CA LEU F 79 -1.93 17.99 12.65
C LEU F 79 -2.38 18.66 11.34
N LEU F 80 -2.44 17.80 10.34
CA LEU F 80 -2.78 18.19 8.95
C LEU F 80 -4.19 18.76 8.93
N ARG F 81 -5.07 18.04 9.61
CA ARG F 81 -6.53 18.37 9.68
C ARG F 81 -6.77 19.72 10.36
N GLU F 82 -6.09 19.90 11.48
CA GLU F 82 -6.18 21.18 12.27
C GLU F 82 -5.58 22.36 11.48
N ALA F 83 -4.41 22.10 10.96
CA ALA F 83 -3.72 23.05 10.09
C ALA F 83 -4.69 23.55 9.05
N TRP F 84 -5.34 22.60 8.42
CA TRP F 84 -6.18 22.86 7.23
C TRP F 84 -7.39 23.64 7.64
N ARG F 85 -7.96 23.16 8.71
CA ARG F 85 -9.09 23.84 9.37
C ARG F 85 -8.77 25.31 9.52
N ARG F 86 -7.61 25.54 10.12
CA ARG F 86 -7.11 26.92 10.43
C ARG F 86 -6.89 27.75 9.18
N ILE F 87 -6.34 27.09 8.18
CA ILE F 87 -6.10 27.71 6.85
C ILE F 87 -7.43 28.15 6.23
N GLN F 88 -8.43 27.31 6.42
CA GLN F 88 -9.77 27.52 5.81
C GLN F 88 -10.50 28.70 6.43
N ALA F 89 -10.32 28.77 7.73
CA ALA F 89 -10.80 29.86 8.60
C ALA F 89 -10.37 31.22 8.04
N LYS F 90 -9.13 31.25 7.58
CA LYS F 90 -8.51 32.47 6.94
C LYS F 90 -9.07 32.79 5.54
N GLY F 91 -10.03 31.99 5.14
CA GLY F 91 -10.79 32.22 3.88
C GLY F 91 -10.32 31.39 2.68
N TYR F 92 -9.25 30.65 2.90
CA TYR F 92 -8.66 29.81 1.83
C TYR F 92 -9.43 28.56 1.51
N THR F 93 -9.45 28.28 0.24
CA THR F 93 -9.86 26.94 -0.27
C THR F 93 -8.75 26.32 -1.08
N LEU F 94 -8.92 25.05 -1.40
CA LEU F 94 -7.81 24.29 -2.00
C LEU F 94 -7.80 24.33 -3.52
N GLY F 95 -6.62 24.62 -3.98
CA GLY F 95 -6.29 24.53 -5.40
C GLY F 95 -5.85 23.13 -5.77
N ASN F 96 -4.57 22.91 -5.56
CA ASN F 96 -3.97 21.55 -5.62
C ASN F 96 -2.74 21.41 -4.76
N VAL F 97 -2.37 20.17 -4.53
CA VAL F 97 -1.09 19.82 -3.87
C VAL F 97 -0.30 18.75 -4.63
N ASP F 98 1.00 18.88 -4.49
CA ASP F 98 2.01 17.97 -5.11
C ASP F 98 3.17 17.69 -4.16
N VAL F 99 3.38 16.41 -3.96
CA VAL F 99 4.31 15.86 -2.96
C VAL F 99 5.36 14.98 -3.64
N THR F 100 6.59 15.10 -3.18
CA THR F 100 7.74 14.31 -3.66
C THR F 100 8.53 13.63 -2.54
N ILE F 101 8.41 12.31 -2.52
CA ILE F 101 9.10 11.45 -1.55
C ILE F 101 10.48 11.10 -2.09
N ILE F 102 11.47 11.43 -1.27
CA ILE F 102 12.88 11.13 -1.58
C ILE F 102 13.41 10.09 -0.61
N ALA F 103 13.61 8.93 -1.18
CA ALA F 103 13.97 7.69 -0.44
C ALA F 103 14.54 6.60 -1.32
N GLN F 104 15.53 5.92 -0.80
CA GLN F 104 16.18 4.82 -1.54
C GLN F 104 15.32 3.56 -1.43
N ALA F 105 14.77 3.45 -0.25
CA ALA F 105 13.87 2.35 0.15
C ALA F 105 13.04 2.78 1.38
N PRO F 106 11.91 2.12 1.61
CA PRO F 106 11.27 1.11 0.80
C PRO F 106 10.51 1.72 -0.36
N LYS F 107 9.91 0.83 -1.14
CA LYS F 107 9.17 1.28 -2.33
C LYS F 107 7.92 2.00 -1.88
N MET F 108 7.74 3.18 -2.43
CA MET F 108 6.58 4.05 -2.08
C MET F 108 5.41 3.81 -3.01
N LEU F 109 5.81 3.44 -4.20
CA LEU F 109 4.89 3.29 -5.36
C LEU F 109 3.54 2.58 -5.09
N PRO F 110 3.56 1.32 -4.63
CA PRO F 110 2.32 0.61 -4.35
C PRO F 110 1.40 1.30 -3.34
N HIS F 111 1.99 2.21 -2.58
CA HIS F 111 1.23 2.92 -1.48
C HIS F 111 0.70 4.27 -1.81
N ILE F 112 1.12 4.79 -2.94
CA ILE F 112 0.76 6.17 -3.33
C ILE F 112 -0.76 6.39 -3.42
N PRO F 113 -1.48 5.47 -4.04
CA PRO F 113 -2.91 5.64 -4.15
C PRO F 113 -3.57 5.75 -2.80
N GLN F 114 -3.16 4.89 -1.89
CA GLN F 114 -3.77 4.91 -0.53
C GLN F 114 -3.47 6.23 0.21
N MET F 115 -2.25 6.71 0.02
CA MET F 115 -1.79 8.04 0.58
C MET F 115 -2.72 9.16 0.10
N ARG F 116 -2.94 9.09 -1.19
CA ARG F 116 -3.74 10.10 -1.90
C ARG F 116 -5.11 10.13 -1.28
N VAL F 117 -5.64 8.94 -1.10
CA VAL F 117 -6.97 8.76 -0.50
C VAL F 117 -7.01 9.45 0.86
N PHE F 118 -6.02 9.12 1.67
CA PHE F 118 -5.93 9.68 3.07
C PHE F 118 -5.84 11.22 3.04
N ILE F 119 -4.87 11.68 2.28
CA ILE F 119 -4.59 13.14 2.12
C ILE F 119 -5.84 13.89 1.68
N ALA F 120 -6.48 13.33 0.66
CA ALA F 120 -7.74 13.92 0.08
C ALA F 120 -8.87 14.00 1.10
N GLU F 121 -8.90 12.99 1.94
CA GLU F 121 -9.91 12.87 3.00
C GLU F 121 -9.72 13.97 4.02
N ASP F 122 -8.47 14.12 4.42
CA ASP F 122 -8.05 15.06 5.50
C ASP F 122 -8.16 16.51 5.02
N LEU F 123 -8.02 16.67 3.70
CA LEU F 123 -8.19 18.02 3.04
C LEU F 123 -9.61 18.25 2.51
N GLY F 124 -10.44 17.27 2.76
CA GLY F 124 -11.83 17.28 2.28
C GLY F 124 -11.92 17.73 0.84
N CYS F 125 -11.01 17.19 0.05
CA CYS F 125 -10.95 17.43 -1.40
C CYS F 125 -11.08 16.17 -2.25
N HIS F 126 -11.25 16.39 -3.54
CA HIS F 126 -11.16 15.29 -4.51
C HIS F 126 -9.72 14.92 -4.67
N MET F 127 -9.50 13.68 -4.98
CA MET F 127 -8.12 13.12 -5.03
C MET F 127 -7.39 13.52 -6.31
N ASP F 128 -8.17 13.94 -7.28
CA ASP F 128 -7.62 14.52 -8.54
C ASP F 128 -6.83 15.80 -8.27
N GLU F 129 -7.03 16.31 -7.08
CA GLU F 129 -6.32 17.52 -6.59
C GLU F 129 -5.05 17.20 -5.84
N VAL F 130 -4.80 15.92 -5.69
CA VAL F 130 -3.65 15.43 -4.92
C VAL F 130 -2.74 14.50 -5.68
N ASN F 131 -1.52 14.98 -5.84
CA ASN F 131 -0.44 14.19 -6.42
C ASN F 131 0.67 13.84 -5.42
N VAL F 132 1.05 12.60 -5.47
CA VAL F 132 2.22 12.10 -4.75
C VAL F 132 3.12 11.29 -5.65
N LYS F 133 4.40 11.63 -5.56
CA LYS F 133 5.49 10.98 -6.32
C LYS F 133 6.58 10.48 -5.42
N ALA F 134 7.38 9.58 -5.95
CA ALA F 134 8.63 9.17 -5.31
C ALA F 134 9.81 9.15 -6.26
N THR F 135 10.96 9.35 -5.66
CA THR F 135 12.23 9.19 -6.35
C THR F 135 13.33 8.77 -5.39
N THR F 136 14.37 8.20 -5.96
CA THR F 136 15.59 7.90 -5.22
C THR F 136 16.63 8.93 -5.56
N THR F 137 17.74 8.87 -4.85
CA THR F 137 18.91 9.70 -5.17
C THR F 137 20.05 8.84 -5.65
N GLU F 138 19.68 7.73 -6.24
CA GLU F 138 20.62 6.84 -6.94
C GLU F 138 21.82 6.50 -6.07
N LYS F 139 21.48 6.00 -4.91
CA LYS F 139 22.48 5.59 -3.90
C LYS F 139 23.40 6.74 -3.45
N LEU F 140 22.98 7.96 -3.76
CA LEU F 140 23.70 9.22 -3.36
C LEU F 140 23.18 9.92 -2.12
N GLY F 141 24.13 10.48 -1.41
CA GLY F 141 23.88 11.22 -0.16
C GLY F 141 23.24 10.39 0.95
N PHE F 142 22.62 11.09 1.89
CA PHE F 142 22.15 10.42 3.13
C PHE F 142 20.98 9.50 2.81
N THR F 143 20.09 9.99 1.96
CA THR F 143 18.96 9.15 1.50
C THR F 143 19.51 7.93 0.76
N GLY F 144 20.44 8.21 -0.13
CA GLY F 144 21.11 7.19 -0.96
C GLY F 144 21.84 6.12 -0.16
N ARG F 145 22.40 6.56 0.94
CA ARG F 145 23.15 5.67 1.89
C ARG F 145 22.23 4.96 2.88
N GLY F 146 20.96 5.28 2.79
CA GLY F 146 19.91 4.69 3.66
C GLY F 146 19.88 5.20 5.09
N GLU F 147 20.34 6.42 5.27
CA GLU F 147 20.44 7.04 6.63
C GLU F 147 19.13 7.67 7.03
N GLY F 148 18.37 7.99 5.99
CA GLY F 148 17.11 8.69 6.15
C GLY F 148 16.21 8.83 4.94
N ILE F 149 15.03 9.32 5.25
CA ILE F 149 14.03 9.68 4.23
C ILE F 149 13.76 11.17 4.27
N ALA F 150 13.49 11.68 3.10
CA ALA F 150 13.11 13.10 2.91
C ALA F 150 11.86 13.27 2.04
N CYS F 151 11.33 14.45 2.10
CA CYS F 151 10.12 14.77 1.36
C CYS F 151 9.94 16.25 1.22
N GLU F 152 9.68 16.63 0.00
CA GLU F 152 9.28 18.00 -0.35
C GLU F 152 7.85 17.96 -0.75
N ALA F 153 7.26 19.13 -0.68
CA ALA F 153 5.87 19.34 -1.07
C ALA F 153 5.62 20.78 -1.52
N VAL F 154 4.79 20.91 -2.52
CA VAL F 154 4.19 22.22 -2.88
C VAL F 154 2.68 22.20 -2.85
N ALA F 155 2.16 23.39 -2.63
CA ALA F 155 0.73 23.58 -2.50
C ALA F 155 0.31 24.92 -3.07
N LEU F 156 -0.79 24.83 -3.78
CA LEU F 156 -1.50 25.99 -4.28
C LEU F 156 -2.85 26.18 -3.57
N LEU F 157 -2.98 27.35 -2.96
CA LEU F 157 -4.25 27.81 -2.34
C LEU F 157 -4.91 28.95 -3.12
N MET F 158 -6.22 28.96 -2.98
CA MET F 158 -7.10 30.04 -3.50
C MET F 158 -7.88 30.73 -2.40
N LYS F 159 -8.17 31.99 -2.65
CA LYS F 159 -9.07 32.79 -1.78
C LYS F 159 -10.33 33.24 -2.52
#